data_8RWM
#
_entry.id   8RWM
#
_cell.length_a   147.847
_cell.length_b   65.531
_cell.length_c   74.823
_cell.angle_alpha   90
_cell.angle_beta   90
_cell.angle_gamma   90
#
_symmetry.space_group_name_H-M   'P 21 21 2'
#
loop_
_entity.id
_entity.type
_entity.pdbx_description
1 polymer '2-ketoarginine methyltransferase'
2 non-polymer 'MAGNESIUM ION'
3 non-polymer 'SODIUM ION'
4 water water
#
_entity_poly.entity_id   1
_entity_poly.type   'polypeptide(L)'
_entity_poly.pdbx_seq_one_letter_code
;(MSE)NLLDSIKSENTGFETTLIKGIEPIRQFVLAISIYHLFDTKLFSLLIKHEVASPEVACNELG(MSE)EKEKLLGLF
RYLKNEGILLETIDGFSLSKEGHALAPFEGWYV(MSE)LVGGYATTFLQ(MSE)GERLQEGAGWATRDATKVGVGSCGIS
HFDAIPLTRSL(MSE)AQAPGTCTKLLDLGCGNGRYLAEFCKALPQIQAWGAEPDRGGFEEAVDLIEKEGLSHRVHISHS
GAVEFLDSDFDFEPDFIVLGFVLHEILGQAGRPAVVNFLKKIVHRFPAINLIIIEVDNQFDNAGA(MSE)RHGLALAYYN
PYYLLHCFTNQLLVQDADWLDIFAEAGLSLVTRETTSDQVDSTGLEIGYLLRRA
;
_entity_poly.pdbx_strand_id   A,B
#
# COMPACT_ATOMS: atom_id res chain seq x y z
N GLU A 10 -1.41 25.36 45.62
CA GLU A 10 -2.26 26.51 45.40
C GLU A 10 -2.56 26.74 43.91
N ASN A 11 -1.64 26.38 42.98
CA ASN A 11 -1.82 26.59 41.54
C ASN A 11 -2.10 28.08 41.20
N THR A 12 -1.42 28.99 41.92
CA THR A 12 -1.64 30.43 41.72
C THR A 12 -1.40 30.83 40.27
N GLY A 13 -2.38 31.49 39.67
CA GLY A 13 -2.30 31.98 38.29
C GLY A 13 -2.41 30.92 37.20
N PHE A 14 -2.70 29.67 37.57
CA PHE A 14 -2.71 28.57 36.62
C PHE A 14 -3.67 28.76 35.47
N GLU A 15 -4.90 29.17 35.74
CA GLU A 15 -5.94 29.29 34.72
C GLU A 15 -5.49 30.16 33.51
N THR A 16 -4.86 31.29 33.79
CA THR A 16 -4.40 32.17 32.73
C THR A 16 -3.38 31.47 31.84
N THR A 17 -2.46 30.68 32.46
CA THR A 17 -1.49 29.91 31.69
C THR A 17 -2.17 28.78 30.89
N LEU A 18 -3.22 28.17 31.47
CA LEU A 18 -3.93 27.07 30.83
C LEU A 18 -4.64 27.55 29.54
N ILE A 19 -5.30 28.70 29.62
CA ILE A 19 -6.02 29.25 28.46
C ILE A 19 -5.06 29.47 27.28
N LYS A 20 -3.86 29.97 27.59
CA LYS A 20 -2.84 30.15 26.55
C LYS A 20 -2.24 28.80 26.12
N GLY A 21 -1.94 27.93 27.07
CA GLY A 21 -1.30 26.64 26.82
C GLY A 21 -2.09 25.69 25.92
N ILE A 22 -3.42 25.76 25.99
CA ILE A 22 -4.29 24.90 25.19
C ILE A 22 -4.94 25.66 24.03
N GLU A 23 -4.46 26.87 23.72
CA GLU A 23 -4.89 27.62 22.51
C GLU A 23 -4.74 26.74 21.25
N PRO A 24 -3.66 25.95 21.08
CA PRO A 24 -3.58 25.09 19.89
C PRO A 24 -4.71 24.07 19.81
N ILE A 25 -5.17 23.58 20.97
CA ILE A 25 -6.28 22.64 21.02
C ILE A 25 -7.58 23.32 20.60
N ARG A 26 -7.83 24.53 21.10
CA ARG A 26 -9.04 25.28 20.72
C ARG A 26 -9.10 25.44 19.17
N GLN A 27 -7.96 25.79 18.58
CA GLN A 27 -7.89 26.00 17.14
C GLN A 27 -7.93 24.68 16.33
N PHE A 28 -7.37 23.61 16.90
CA PHE A 28 -7.44 22.23 16.38
C PHE A 28 -8.90 21.81 16.14
N VAL A 29 -9.75 21.99 17.17
CA VAL A 29 -11.18 21.63 17.00
C VAL A 29 -11.87 22.57 16.00
N LEU A 30 -11.55 23.88 16.03
CA LEU A 30 -12.13 24.83 15.09
C LEU A 30 -11.77 24.46 13.65
N ALA A 31 -10.52 24.06 13.39
CA ALA A 31 -10.11 23.71 12.03
C ALA A 31 -10.91 22.50 11.51
N ILE A 32 -11.12 21.50 12.41
CA ILE A 32 -11.87 20.31 12.01
C ILE A 32 -13.33 20.70 11.73
N SER A 33 -13.89 21.57 12.58
CA SER A 33 -15.28 21.99 12.42
C SER A 33 -15.48 22.80 11.15
N ILE A 34 -14.51 23.65 10.79
CA ILE A 34 -14.56 24.43 9.52
C ILE A 34 -14.46 23.46 8.34
N TYR A 35 -13.56 22.50 8.43
CA TYR A 35 -13.45 21.44 7.40
C TYR A 35 -14.83 20.77 7.15
N HIS A 36 -15.51 20.32 8.23
CA HIS A 36 -16.81 19.68 8.04
C HIS A 36 -17.85 20.66 7.52
N LEU A 37 -17.83 21.91 7.97
CA LEU A 37 -18.75 22.94 7.47
C LEU A 37 -18.69 23.01 5.92
N PHE A 38 -17.47 22.97 5.37
CA PHE A 38 -17.31 22.93 3.92
C PHE A 38 -17.66 21.56 3.31
N ASP A 39 -17.04 20.50 3.81
CA ASP A 39 -17.10 19.17 3.21
C ASP A 39 -18.48 18.57 3.17
N THR A 40 -19.29 18.84 4.19
CA THR A 40 -20.67 18.35 4.27
C THR A 40 -21.66 19.14 3.39
N LYS A 41 -21.20 20.25 2.75
CA LYS A 41 -21.99 21.17 1.96
C LYS A 41 -22.89 22.09 2.81
N LEU A 42 -22.68 22.15 4.15
CA LEU A 42 -23.41 23.13 4.97
C LEU A 42 -23.01 24.55 4.63
N PHE A 43 -21.75 24.81 4.32
CA PHE A 43 -21.29 26.16 3.93
C PHE A 43 -22.04 26.63 2.68
N SER A 44 -22.11 25.79 1.62
CA SER A 44 -22.84 26.16 0.41
C SER A 44 -24.32 26.33 0.70
N LEU A 45 -24.90 25.50 1.58
CA LEU A 45 -26.31 25.64 1.95
C LEU A 45 -26.56 27.00 2.62
N LEU A 46 -25.68 27.42 3.54
CA LEU A 46 -25.87 28.73 4.20
C LEU A 46 -25.67 29.89 3.24
N ILE A 47 -24.81 29.75 2.23
CA ILE A 47 -24.63 30.78 1.20
C ILE A 47 -25.94 30.91 0.40
N LYS A 48 -26.48 29.77 -0.02
CA LYS A 48 -27.71 29.74 -0.82
C LYS A 48 -28.93 30.25 -0.07
N HIS A 49 -29.17 29.76 1.14
CA HIS A 49 -30.34 30.14 1.93
C HIS A 49 -30.25 31.49 2.63
N GLU A 50 -29.04 31.94 2.99
CA GLU A 50 -28.75 33.15 3.75
C GLU A 50 -29.01 32.92 5.25
N VAL A 51 -30.23 32.48 5.60
CA VAL A 51 -30.60 32.10 6.95
C VAL A 51 -31.27 30.71 6.84
N ALA A 52 -30.83 29.74 7.63
CA ALA A 52 -31.44 28.40 7.61
C ALA A 52 -31.64 27.87 9.03
N SER A 53 -32.84 27.36 9.31
CA SER A 53 -33.08 26.74 10.59
C SER A 53 -32.42 25.36 10.56
N PRO A 54 -32.09 24.76 11.71
CA PRO A 54 -31.55 23.39 11.69
C PRO A 54 -32.50 22.40 11.01
N GLU A 55 -33.82 22.59 11.14
CA GLU A 55 -34.80 21.69 10.52
C GLU A 55 -34.69 21.73 8.99
N VAL A 56 -34.58 22.94 8.41
CA VAL A 56 -34.44 23.10 6.96
C VAL A 56 -33.11 22.52 6.45
N ALA A 57 -32.00 22.76 7.17
CA ALA A 57 -30.71 22.20 6.76
C ALA A 57 -30.77 20.66 6.84
N CYS A 58 -31.38 20.12 7.90
CA CYS A 58 -31.51 18.69 8.08
C CYS A 58 -32.29 18.00 6.99
N ASN A 59 -33.43 18.61 6.60
CA ASN A 59 -34.24 18.05 5.53
C ASN A 59 -33.48 18.05 4.21
N GLU A 60 -32.74 19.13 3.91
CA GLU A 60 -32.01 19.23 2.66
C GLU A 60 -30.82 18.28 2.55
N LEU A 61 -30.02 18.14 3.62
CA LEU A 61 -28.81 17.30 3.59
C LEU A 61 -28.93 15.94 4.25
N GLY A 62 -30.11 15.59 4.77
CA GLY A 62 -30.37 14.29 5.38
C GLY A 62 -29.63 14.09 6.69
N GLU A 64 -29.24 14.78 11.20
CA GLU A 64 -29.92 14.69 12.48
CA GLU A 64 -29.94 14.68 12.47
C GLU A 64 -29.86 16.04 13.20
N LYS A 65 -31.02 16.59 13.55
CA LYS A 65 -31.16 17.91 14.16
C LYS A 65 -30.30 18.18 15.42
N GLU A 66 -30.27 17.29 16.41
CA GLU A 66 -29.54 17.54 17.65
C GLU A 66 -28.01 17.58 17.43
N LYS A 67 -27.47 16.76 16.53
CA LYS A 67 -26.04 16.79 16.21
C LYS A 67 -25.75 18.10 15.44
N LEU A 68 -26.62 18.47 14.48
CA LEU A 68 -26.41 19.69 13.72
C LEU A 68 -26.49 20.94 14.60
N LEU A 69 -27.45 20.97 15.51
CA LEU A 69 -27.57 22.07 16.47
C LEU A 69 -26.31 22.21 17.32
N GLY A 70 -25.71 21.08 17.68
CA GLY A 70 -24.46 21.10 18.44
C GLY A 70 -23.33 21.74 17.64
N LEU A 71 -23.16 21.35 16.38
CA LEU A 71 -22.14 21.94 15.52
C LEU A 71 -22.40 23.43 15.32
N PHE A 72 -23.66 23.79 15.04
CA PHE A 72 -24.03 25.19 14.84
C PHE A 72 -23.81 26.07 16.10
N ARG A 73 -24.16 25.56 17.28
CA ARG A 73 -23.96 26.31 18.54
C ARG A 73 -22.46 26.51 18.79
N TYR A 74 -21.66 25.46 18.56
CA TYR A 74 -20.20 25.54 18.68
C TYR A 74 -19.64 26.65 17.76
N LEU A 75 -20.07 26.65 16.50
CA LEU A 75 -19.58 27.62 15.52
C LEU A 75 -20.08 29.04 15.82
N LYS A 76 -21.28 29.17 16.35
CA LYS A 76 -21.84 30.44 16.80
C LYS A 76 -20.97 30.98 17.95
N ASN A 77 -20.60 30.13 18.92
CA ASN A 77 -19.76 30.56 20.04
C ASN A 77 -18.41 31.10 19.57
N GLU A 78 -17.86 30.52 18.52
CA GLU A 78 -16.62 30.97 17.89
C GLU A 78 -16.77 32.14 16.88
N GLY A 79 -17.97 32.61 16.65
CA GLY A 79 -18.21 33.74 15.76
C GLY A 79 -18.33 33.42 14.28
N ILE A 80 -18.31 32.15 13.91
CA ILE A 80 -18.43 31.76 12.49
C ILE A 80 -19.87 31.89 11.99
N LEU A 81 -20.82 31.60 12.88
CA LEU A 81 -22.22 31.75 12.59
C LEU A 81 -22.87 32.76 13.50
N LEU A 82 -24.00 33.29 13.03
CA LEU A 82 -24.91 34.14 13.77
C LEU A 82 -26.20 33.33 13.95
N GLU A 83 -26.91 33.57 15.06
CA GLU A 83 -28.22 32.95 15.26
C GLU A 83 -29.28 34.02 15.53
N THR A 84 -30.38 33.95 14.79
CA THR A 84 -31.55 34.83 14.95
C THR A 84 -32.78 33.90 15.15
N ILE A 85 -33.98 34.48 15.38
CA ILE A 85 -35.20 33.68 15.52
C ILE A 85 -35.48 32.82 14.26
N ASP A 86 -35.06 33.28 13.08
CA ASP A 86 -35.28 32.57 11.83
C ASP A 86 -34.25 31.45 11.53
N GLY A 87 -33.13 31.40 12.26
CA GLY A 87 -32.14 30.35 12.07
C GLY A 87 -30.71 30.82 12.17
N PHE A 88 -29.81 30.08 11.55
CA PHE A 88 -28.40 30.36 11.56
C PHE A 88 -27.96 30.89 10.21
N SER A 89 -26.93 31.73 10.23
CA SER A 89 -26.36 32.31 9.03
C SER A 89 -24.87 32.44 9.22
N LEU A 90 -24.14 32.53 8.11
CA LEU A 90 -22.71 32.81 8.20
C LEU A 90 -22.55 34.28 8.66
N SER A 91 -21.62 34.52 9.59
CA SER A 91 -21.26 35.85 9.99
C SER A 91 -20.32 36.43 8.90
N LYS A 92 -19.86 37.70 9.05
CA LYS A 92 -18.86 38.23 8.10
C LYS A 92 -17.57 37.36 8.17
N GLU A 93 -17.20 36.93 9.39
CA GLU A 93 -16.02 36.07 9.59
C GLU A 93 -16.21 34.72 8.87
N GLY A 94 -17.39 34.15 9.00
CA GLY A 94 -17.73 32.90 8.31
C GLY A 94 -17.66 33.03 6.81
N HIS A 95 -18.23 34.12 6.28
CA HIS A 95 -18.16 34.38 4.83
C HIS A 95 -16.74 34.50 4.35
N ALA A 96 -15.87 35.14 5.15
CA ALA A 96 -14.48 35.37 4.78
C ALA A 96 -13.68 34.06 4.66
N LEU A 97 -14.17 32.94 5.23
CA LEU A 97 -13.45 31.67 5.10
C LEU A 97 -13.57 31.07 3.66
N ALA A 98 -14.57 31.51 2.87
CA ALA A 98 -14.91 30.85 1.60
C ALA A 98 -13.73 30.52 0.69
N PRO A 99 -12.78 31.44 0.44
CA PRO A 99 -11.68 31.10 -0.48
C PRO A 99 -10.75 30.01 0.00
N PHE A 100 -10.74 29.71 1.30
CA PHE A 100 -9.78 28.81 1.89
C PHE A 100 -10.21 27.35 1.98
N GLU A 101 -11.39 27.03 1.42
CA GLU A 101 -11.92 25.67 1.42
C GLU A 101 -10.88 24.59 1.06
N GLY A 102 -10.11 24.82 -0.01
CA GLY A 102 -9.15 23.84 -0.48
C GLY A 102 -8.09 23.49 0.55
N TRP A 103 -7.62 24.47 1.31
CA TRP A 103 -6.61 24.24 2.35
C TRP A 103 -7.21 23.34 3.45
N TYR A 104 -8.43 23.61 3.90
CA TYR A 104 -9.08 22.78 4.91
C TYR A 104 -9.31 21.35 4.40
N VAL A 105 -9.79 21.24 3.15
CA VAL A 105 -10.06 19.91 2.60
C VAL A 105 -8.75 19.10 2.45
N LEU A 107 -5.57 19.63 4.01
CA LEU A 107 -4.78 19.41 5.21
C LEU A 107 -5.53 18.74 6.33
N VAL A 108 -6.83 19.01 6.46
CA VAL A 108 -7.64 18.34 7.45
C VAL A 108 -8.27 17.08 6.85
N GLY A 109 -9.07 17.22 5.79
CA GLY A 109 -9.68 16.06 5.16
C GLY A 109 -8.66 15.03 4.68
N GLY A 110 -7.64 15.50 3.98
CA GLY A 110 -6.64 14.64 3.40
C GLY A 110 -5.60 14.12 4.36
N TYR A 111 -5.08 15.00 5.20
CA TYR A 111 -3.92 14.69 6.00
C TYR A 111 -4.14 14.62 7.50
N ALA A 112 -5.37 14.79 8.02
CA ALA A 112 -5.54 14.66 9.50
C ALA A 112 -5.06 13.26 10.00
N THR A 113 -5.46 12.20 9.28
CA THR A 113 -5.06 10.84 9.69
C THR A 113 -3.54 10.68 9.67
N THR A 114 -2.89 11.31 8.70
CA THR A 114 -1.44 11.27 8.53
C THR A 114 -0.73 11.88 9.75
N PHE A 115 -1.16 13.09 10.17
CA PHE A 115 -0.59 13.71 11.36
C PHE A 115 -0.87 12.85 12.60
N LEU A 116 -2.09 12.32 12.73
CA LEU A 116 -2.44 11.50 13.87
C LEU A 116 -1.60 10.22 13.96
N GLN A 117 -1.18 9.68 12.82
CA GLN A 117 -0.35 8.48 12.76
C GLN A 117 1.13 8.70 13.08
N GLY A 119 2.92 9.36 15.75
CA GLY A 119 3.45 8.68 16.93
C GLY A 119 3.81 7.24 16.67
N GLU A 120 2.88 6.49 16.07
CA GLU A 120 3.10 5.10 15.75
C GLU A 120 4.11 4.92 14.61
N ARG A 121 4.07 5.79 13.61
CA ARG A 121 4.98 5.68 12.46
C ARG A 121 6.43 6.06 12.77
N LEU A 122 6.68 6.75 13.88
CA LEU A 122 8.05 7.04 14.31
C LEU A 122 8.82 5.75 14.65
N GLN A 123 8.12 4.68 15.06
CA GLN A 123 8.79 3.45 15.46
C GLN A 123 9.52 2.78 14.29
N GLU A 124 10.69 2.18 14.62
CA GLU A 124 11.50 1.46 13.63
C GLU A 124 10.66 0.41 12.90
N GLY A 125 10.65 0.46 11.58
CA GLY A 125 9.93 -0.51 10.76
C GLY A 125 8.42 -0.34 10.67
N ALA A 126 7.87 0.79 11.20
CA ALA A 126 6.43 0.99 11.21
C ALA A 126 5.82 1.45 9.89
N GLY A 127 6.64 1.76 8.90
CA GLY A 127 6.16 2.11 7.57
C GLY A 127 5.74 3.56 7.44
N TRP A 128 5.15 3.85 6.28
CA TRP A 128 4.71 5.20 5.96
C TRP A 128 3.29 5.46 6.42
N ALA A 129 3.03 6.69 6.87
CA ALA A 129 1.70 7.07 7.25
C ALA A 129 0.79 7.10 6.01
N THR A 130 -0.46 6.70 6.16
CA THR A 130 -1.43 6.77 5.08
C THR A 130 -2.13 8.16 5.10
N ARG A 131 -2.89 8.44 4.06
CA ARG A 131 -3.65 9.68 3.89
C ARG A 131 -4.98 9.38 3.19
N ASP A 132 -5.92 10.33 3.19
CA ASP A 132 -7.15 10.19 2.38
C ASP A 132 -6.83 10.92 1.06
N ALA A 133 -6.33 10.15 0.07
CA ALA A 133 -5.88 10.73 -1.19
C ALA A 133 -7.00 11.40 -1.99
N THR A 134 -8.28 11.01 -1.76
CA THR A 134 -9.39 11.66 -2.44
C THR A 134 -9.48 13.12 -1.98
N LYS A 135 -9.44 13.33 -0.65
CA LYS A 135 -9.52 14.69 -0.14
C LYS A 135 -8.26 15.49 -0.42
N VAL A 136 -7.09 14.84 -0.44
CA VAL A 136 -5.84 15.54 -0.83
C VAL A 136 -5.99 16.09 -2.26
N GLY A 137 -6.50 15.27 -3.17
CA GLY A 137 -6.68 15.69 -4.56
C GLY A 137 -7.69 16.79 -4.73
N VAL A 138 -8.85 16.66 -4.10
CA VAL A 138 -9.92 17.65 -4.19
C VAL A 138 -9.45 18.97 -3.60
N GLY A 139 -8.83 18.90 -2.43
CA GLY A 139 -8.36 20.10 -1.75
C GLY A 139 -7.24 20.80 -2.51
N SER A 140 -6.23 20.03 -2.95
CA SER A 140 -5.11 20.62 -3.69
C SER A 140 -5.58 21.29 -4.97
N CYS A 141 -6.60 20.71 -5.64
CA CYS A 141 -7.17 21.33 -6.81
C CYS A 141 -7.86 22.66 -6.47
N GLY A 142 -8.52 22.75 -5.32
CA GLY A 142 -9.10 24.00 -4.87
C GLY A 142 -8.03 25.07 -4.65
N ILE A 143 -6.93 24.68 -4.02
CA ILE A 143 -5.79 25.59 -3.78
C ILE A 143 -5.22 26.06 -5.11
N SER A 144 -5.08 25.12 -6.07
CA SER A 144 -4.44 25.44 -7.34
C SER A 144 -5.08 26.55 -8.14
N HIS A 145 -6.38 26.82 -7.93
CA HIS A 145 -7.04 27.97 -8.54
C HIS A 145 -6.28 29.30 -8.28
N PHE A 146 -5.69 29.42 -7.09
CA PHE A 146 -5.01 30.64 -6.67
C PHE A 146 -3.53 30.70 -7.03
N ASP A 147 -2.81 29.58 -6.91
CA ASP A 147 -1.35 29.61 -7.09
C ASP A 147 -0.82 28.85 -8.33
N ALA A 148 -1.03 27.54 -8.39
CA ALA A 148 -0.43 26.72 -9.44
C ALA A 148 -1.06 26.86 -10.82
N ILE A 149 -2.38 27.05 -10.92
CA ILE A 149 -3.01 27.23 -12.23
C ILE A 149 -2.53 28.56 -12.88
N PRO A 150 -2.54 29.72 -12.18
CA PRO A 150 -1.98 30.93 -12.77
C PRO A 150 -0.49 30.80 -13.14
N LEU A 151 0.29 30.10 -12.31
CA LEU A 151 1.71 29.85 -12.60
C LEU A 151 1.85 29.02 -13.89
N THR A 152 1.07 27.95 -14.02
CA THR A 152 1.10 27.08 -15.21
C THR A 152 0.72 27.90 -16.46
N ARG A 153 -0.32 28.72 -16.33
CA ARG A 153 -0.79 29.57 -17.43
C ARG A 153 0.32 30.55 -17.90
N SER A 154 1.01 31.16 -16.95
CA SER A 154 2.10 32.08 -17.21
C SER A 154 3.23 31.36 -17.99
N LEU A 155 3.63 30.17 -17.54
CA LEU A 155 4.70 29.42 -18.20
C LEU A 155 4.27 28.94 -19.57
N ALA A 157 2.29 30.40 -21.67
CA ALA A 157 2.38 31.54 -22.56
C ALA A 157 3.82 31.84 -23.04
N GLN A 158 4.86 31.43 -22.28
CA GLN A 158 6.26 31.66 -22.65
C GLN A 158 6.89 30.54 -23.48
N ALA A 159 6.15 29.48 -23.78
CA ALA A 159 6.63 28.41 -24.63
C ALA A 159 6.61 28.86 -26.10
N PRO A 160 7.49 28.34 -26.97
CA PRO A 160 7.43 28.78 -28.38
C PRO A 160 6.16 28.30 -29.08
N GLY A 161 5.68 27.10 -28.75
CA GLY A 161 4.46 26.60 -29.37
C GLY A 161 3.22 26.94 -28.57
N THR A 162 2.06 26.88 -29.24
CA THR A 162 0.75 27.03 -28.61
C THR A 162 0.21 25.66 -28.23
N CYS A 163 -0.42 25.57 -27.07
CA CYS A 163 -0.96 24.33 -26.59
C CYS A 163 -2.20 23.96 -27.35
N THR A 164 -2.24 22.72 -27.89
CA THR A 164 -3.45 22.17 -28.54
C THR A 164 -3.90 20.88 -27.86
N LYS A 165 -2.96 20.09 -27.29
CA LYS A 165 -3.25 18.78 -26.70
C LYS A 165 -2.49 18.71 -25.38
N LEU A 166 -3.21 18.74 -24.27
CA LEU A 166 -2.66 18.84 -22.94
C LEU A 166 -2.83 17.54 -22.17
N LEU A 167 -1.77 17.04 -21.55
CA LEU A 167 -1.81 15.86 -20.69
C LEU A 167 -1.45 16.32 -19.27
N ASP A 168 -2.31 16.07 -18.28
CA ASP A 168 -2.07 16.41 -16.89
C ASP A 168 -2.00 15.11 -16.10
N LEU A 169 -0.82 14.76 -15.60
CA LEU A 169 -0.64 13.54 -14.81
C LEU A 169 -0.78 13.93 -13.36
N GLY A 170 -1.52 13.16 -12.60
CA GLY A 170 -1.86 13.48 -11.23
C GLY A 170 -2.84 14.64 -11.20
N CYS A 171 -3.95 14.51 -11.93
CA CYS A 171 -4.88 15.60 -12.15
C CYS A 171 -5.87 15.86 -11.02
N GLY A 172 -5.90 15.04 -9.96
CA GLY A 172 -6.86 15.24 -8.88
C GLY A 172 -8.28 15.16 -9.40
N ASN A 173 -9.08 16.17 -9.09
CA ASN A 173 -10.45 16.25 -9.58
C ASN A 173 -10.57 16.93 -10.96
N GLY A 174 -9.47 17.16 -11.66
CA GLY A 174 -9.50 17.72 -13.01
C GLY A 174 -9.60 19.25 -13.11
N ARG A 175 -9.44 19.98 -12.00
CA ARG A 175 -9.54 21.45 -12.02
C ARG A 175 -8.57 22.17 -12.97
N TYR A 176 -7.30 21.74 -13.11
CA TYR A 176 -6.40 22.41 -14.08
C TYR A 176 -6.98 22.27 -15.47
N LEU A 177 -7.50 21.06 -15.82
CA LEU A 177 -8.00 20.83 -17.16
C LEU A 177 -9.28 21.60 -17.38
N ALA A 178 -10.18 21.64 -16.39
CA ALA A 178 -11.43 22.39 -16.55
C ALA A 178 -11.13 23.88 -16.75
N GLU A 179 -10.17 24.45 -15.97
CA GLU A 179 -9.85 25.88 -16.12
C GLU A 179 -9.19 26.19 -17.44
N PHE A 180 -8.19 25.39 -17.83
CA PHE A 180 -7.49 25.63 -19.08
C PHE A 180 -8.42 25.45 -20.27
N CYS A 181 -9.28 24.42 -20.24
CA CYS A 181 -10.19 24.17 -21.34
C CYS A 181 -11.26 25.24 -21.49
N LYS A 182 -11.78 25.78 -20.37
CA LYS A 182 -12.75 26.86 -20.48
C LYS A 182 -12.09 28.12 -21.05
N ALA A 183 -10.86 28.43 -20.63
CA ALA A 183 -10.17 29.66 -21.05
C ALA A 183 -9.63 29.58 -22.47
N LEU A 184 -9.23 28.38 -22.91
CA LEU A 184 -8.59 28.12 -24.20
C LEU A 184 -9.41 27.08 -24.97
N PRO A 185 -10.49 27.53 -25.64
CA PRO A 185 -11.42 26.59 -26.29
C PRO A 185 -10.87 25.58 -27.30
N GLN A 186 -9.70 25.84 -27.93
CA GLN A 186 -9.14 24.89 -28.90
C GLN A 186 -8.53 23.64 -28.26
N ILE A 187 -8.23 23.66 -26.94
CA ILE A 187 -7.50 22.57 -26.30
C ILE A 187 -8.29 21.27 -26.21
N GLN A 188 -7.65 20.15 -26.54
CA GLN A 188 -8.13 18.82 -26.21
C GLN A 188 -7.23 18.39 -25.04
N ALA A 189 -7.79 17.67 -24.03
CA ALA A 189 -7.01 17.33 -22.85
C ALA A 189 -7.25 15.90 -22.37
N TRP A 190 -6.26 15.35 -21.69
CA TRP A 190 -6.33 14.04 -21.05
C TRP A 190 -5.70 14.18 -19.67
N GLY A 191 -6.38 13.67 -18.64
CA GLY A 191 -5.84 13.66 -17.29
C GLY A 191 -5.76 12.26 -16.77
N ALA A 192 -4.80 12.01 -15.89
CA ALA A 192 -4.67 10.72 -15.22
C ALA A 192 -4.60 10.99 -13.73
N GLU A 193 -5.37 10.23 -12.94
CA GLU A 193 -5.37 10.39 -11.48
C GLU A 193 -5.33 9.01 -10.85
N PRO A 194 -4.37 8.71 -9.95
CA PRO A 194 -4.27 7.33 -9.42
C PRO A 194 -5.32 6.97 -8.36
N ASP A 195 -5.81 7.98 -7.62
CA ASP A 195 -6.77 7.72 -6.56
C ASP A 195 -8.14 7.52 -7.17
N ARG A 196 -8.80 6.41 -6.83
CA ARG A 196 -10.11 6.13 -7.42
C ARG A 196 -11.15 7.19 -7.11
N GLY A 197 -11.23 7.63 -5.86
CA GLY A 197 -12.18 8.66 -5.47
C GLY A 197 -11.96 9.97 -6.21
N GLY A 198 -10.70 10.36 -6.34
CA GLY A 198 -10.34 11.57 -7.09
C GLY A 198 -10.69 11.45 -8.55
N PHE A 199 -10.37 10.28 -9.16
CA PHE A 199 -10.69 9.93 -10.54
C PHE A 199 -12.21 10.11 -10.78
N GLU A 200 -13.04 9.55 -9.88
CA GLU A 200 -14.49 9.66 -10.02
C GLU A 200 -14.95 11.15 -9.90
N GLU A 201 -14.36 11.91 -9.01
CA GLU A 201 -14.64 13.35 -8.89
C GLU A 201 -14.22 14.10 -10.17
N ALA A 202 -13.13 13.71 -10.82
CA ALA A 202 -12.69 14.33 -12.07
C ALA A 202 -13.65 14.05 -13.21
N VAL A 203 -14.13 12.82 -13.34
CA VAL A 203 -15.08 12.45 -14.38
C VAL A 203 -16.39 13.28 -14.19
N ASP A 204 -16.81 13.48 -12.92
CA ASP A 204 -18.02 14.25 -12.60
C ASP A 204 -17.82 15.75 -12.83
N LEU A 205 -16.67 16.33 -12.43
CA LEU A 205 -16.42 17.75 -12.65
C LEU A 205 -16.39 18.07 -14.14
N ILE A 206 -15.72 17.22 -14.92
CA ILE A 206 -15.64 17.42 -16.36
C ILE A 206 -17.03 17.35 -17.01
N GLU A 207 -17.85 16.42 -16.56
CA GLU A 207 -19.22 16.31 -17.09
C GLU A 207 -20.06 17.55 -16.69
N LYS A 208 -19.94 18.02 -15.42
CA LYS A 208 -20.66 19.20 -14.92
C LYS A 208 -20.27 20.49 -15.69
N GLU A 209 -18.98 20.63 -16.05
CA GLU A 209 -18.52 21.80 -16.81
C GLU A 209 -18.83 21.70 -18.35
N GLY A 210 -19.44 20.61 -18.79
CA GLY A 210 -19.77 20.40 -20.21
C GLY A 210 -18.56 20.11 -21.09
N LEU A 211 -17.50 19.52 -20.51
CA LEU A 211 -16.25 19.29 -21.23
C LEU A 211 -15.93 17.84 -21.58
N SER A 212 -16.84 16.87 -21.33
CA SER A 212 -16.57 15.47 -21.64
C SER A 212 -16.20 15.18 -23.10
N HIS A 213 -16.63 16.01 -24.06
CA HIS A 213 -16.25 15.80 -25.47
C HIS A 213 -14.80 16.25 -25.79
N ARG A 214 -14.19 17.06 -24.91
CA ARG A 214 -12.84 17.58 -25.13
C ARG A 214 -11.81 17.05 -24.10
N VAL A 215 -12.26 16.48 -22.96
CA VAL A 215 -11.36 16.03 -21.89
C VAL A 215 -11.71 14.62 -21.46
N HIS A 216 -10.72 13.72 -21.50
CA HIS A 216 -10.85 12.34 -21.04
C HIS A 216 -10.00 12.16 -19.79
N ILE A 217 -10.50 11.37 -18.82
CA ILE A 217 -9.79 11.09 -17.57
C ILE A 217 -9.55 9.57 -17.47
N SER A 218 -8.32 9.19 -17.08
CA SER A 218 -7.91 7.81 -16.84
C SER A 218 -7.58 7.59 -15.39
N HIS A 219 -7.92 6.39 -14.86
CA HIS A 219 -7.58 6.01 -13.51
C HIS A 219 -6.23 5.33 -13.57
N SER A 220 -5.17 6.09 -13.29
CA SER A 220 -3.82 5.60 -13.44
C SER A 220 -2.82 6.52 -12.75
N GLY A 221 -1.72 5.95 -12.30
CA GLY A 221 -0.56 6.70 -11.84
C GLY A 221 0.24 7.19 -13.04
N ALA A 222 1.13 8.15 -12.80
CA ALA A 222 1.88 8.80 -13.89
C ALA A 222 2.81 7.86 -14.66
N VAL A 223 3.64 7.09 -13.95
CA VAL A 223 4.60 6.19 -14.59
C VAL A 223 3.86 5.12 -15.40
N GLU A 224 2.84 4.51 -14.78
CA GLU A 224 2.08 3.47 -15.48
C GLU A 224 1.31 4.06 -16.68
N PHE A 225 0.84 5.34 -16.60
CA PHE A 225 0.17 5.94 -17.75
C PHE A 225 1.15 6.05 -18.94
N LEU A 226 2.38 6.50 -18.68
CA LEU A 226 3.37 6.66 -19.75
C LEU A 226 3.75 5.32 -20.39
N ASP A 227 3.65 4.22 -19.62
CA ASP A 227 3.92 2.87 -20.14
C ASP A 227 2.69 2.21 -20.80
N SER A 228 1.51 2.86 -20.76
CA SER A 228 0.27 2.32 -21.32
C SER A 228 0.12 2.59 -22.82
N ASP A 229 -0.89 1.92 -23.43
CA ASP A 229 -1.15 2.03 -24.86
C ASP A 229 -2.10 3.17 -25.20
N PHE A 230 -2.05 4.29 -24.45
CA PHE A 230 -2.92 5.43 -24.74
C PHE A 230 -2.63 5.99 -26.13
N ASP A 231 -3.67 6.50 -26.78
CA ASP A 231 -3.56 7.07 -28.12
C ASP A 231 -3.88 8.57 -27.99
N PHE A 232 -2.84 9.35 -27.78
CA PHE A 232 -2.92 10.81 -27.64
C PHE A 232 -1.52 11.37 -27.90
N GLU A 233 -1.41 12.49 -28.64
CA GLU A 233 -0.13 13.08 -28.96
C GLU A 233 -0.08 14.47 -28.33
N PRO A 234 0.19 14.55 -27.01
CA PRO A 234 0.20 15.87 -26.37
C PRO A 234 1.36 16.72 -26.82
N ASP A 235 1.14 18.03 -26.92
CA ASP A 235 2.24 18.98 -27.12
C ASP A 235 2.65 19.67 -25.78
N PHE A 236 1.82 19.54 -24.71
CA PHE A 236 2.17 20.00 -23.38
C PHE A 236 1.83 18.90 -22.37
N ILE A 237 2.72 18.72 -21.40
CA ILE A 237 2.48 17.82 -20.27
C ILE A 237 2.69 18.64 -19.00
N VAL A 238 1.73 18.56 -18.06
CA VAL A 238 1.83 19.24 -16.77
C VAL A 238 2.05 18.19 -15.70
N LEU A 239 3.10 18.40 -14.90
CA LEU A 239 3.44 17.54 -13.77
C LEU A 239 3.44 18.47 -12.54
N GLY A 240 2.26 18.65 -11.97
CA GLY A 240 2.05 19.53 -10.82
C GLY A 240 2.15 18.75 -9.52
N PHE A 241 3.31 18.83 -8.85
CA PHE A 241 3.56 18.14 -7.58
C PHE A 241 3.46 16.61 -7.71
N VAL A 242 3.90 16.07 -8.82
CA VAL A 242 3.90 14.63 -9.13
C VAL A 242 5.31 14.04 -8.96
N LEU A 243 6.34 14.74 -9.46
CA LEU A 243 7.69 14.19 -9.41
C LEU A 243 8.19 13.87 -8.01
N HIS A 244 7.85 14.67 -7.00
CA HIS A 244 8.32 14.37 -5.64
C HIS A 244 7.65 13.10 -5.07
N GLU A 245 6.47 12.73 -5.58
CA GLU A 245 5.83 11.45 -5.21
C GLU A 245 6.63 10.29 -5.82
N ILE A 246 6.94 10.38 -7.11
CA ILE A 246 7.73 9.35 -7.81
C ILE A 246 9.12 9.24 -7.17
N LEU A 247 9.74 10.39 -6.84
CA LEU A 247 11.06 10.38 -6.23
C LEU A 247 11.09 9.61 -4.91
N GLY A 248 10.11 9.84 -4.06
CA GLY A 248 10.03 9.13 -2.79
C GLY A 248 9.72 7.66 -2.99
N GLN A 249 8.69 7.35 -3.78
CA GLN A 249 8.20 5.98 -3.96
C GLN A 249 9.12 5.08 -4.76
N ALA A 250 9.69 5.59 -5.82
CA ALA A 250 10.48 4.82 -6.76
C ALA A 250 11.96 5.14 -6.83
N GLY A 251 12.38 6.33 -6.38
CA GLY A 251 13.80 6.69 -6.39
C GLY A 251 14.21 7.64 -7.51
N ARG A 252 15.40 8.25 -7.38
CA ARG A 252 15.89 9.22 -8.37
C ARG A 252 16.12 8.62 -9.78
N PRO A 253 16.70 7.41 -9.93
CA PRO A 253 16.82 6.83 -11.29
C PRO A 253 15.45 6.69 -11.97
N ALA A 254 14.40 6.31 -11.22
CA ALA A 254 13.05 6.15 -11.77
C ALA A 254 12.48 7.50 -12.27
N VAL A 255 12.76 8.61 -11.54
CA VAL A 255 12.32 9.95 -11.99
C VAL A 255 13.04 10.33 -13.26
N VAL A 256 14.38 10.14 -13.30
CA VAL A 256 15.17 10.43 -14.49
C VAL A 256 14.65 9.60 -15.68
N ASN A 257 14.41 8.32 -15.48
CA ASN A 257 13.93 7.45 -16.55
C ASN A 257 12.55 7.85 -17.05
N PHE A 258 11.68 8.27 -16.14
CA PHE A 258 10.33 8.73 -16.46
C PHE A 258 10.39 9.97 -17.35
N LEU A 259 11.26 10.93 -17.01
CA LEU A 259 11.42 12.14 -17.80
C LEU A 259 12.03 11.84 -19.15
N LYS A 260 13.03 10.93 -19.18
CA LYS A 260 13.62 10.51 -20.45
C LYS A 260 12.54 9.85 -21.34
N LYS A 261 11.66 9.03 -20.75
CA LYS A 261 10.62 8.35 -21.53
C LYS A 261 9.66 9.36 -22.16
N ILE A 262 9.32 10.43 -21.44
CA ILE A 262 8.43 11.47 -21.98
C ILE A 262 9.00 12.06 -23.27
N VAL A 263 10.26 12.47 -23.25
CA VAL A 263 10.87 13.14 -24.40
C VAL A 263 11.30 12.12 -25.48
N HIS A 264 11.40 10.82 -25.15
CA HIS A 264 11.64 9.79 -26.16
C HIS A 264 10.33 9.59 -26.95
N ARG A 265 9.20 9.44 -26.26
CA ARG A 265 7.90 9.26 -26.87
C ARG A 265 7.41 10.55 -27.59
N PHE A 266 7.64 11.72 -26.97
CA PHE A 266 7.20 13.01 -27.49
C PHE A 266 8.38 13.99 -27.57
N PRO A 267 9.24 13.89 -28.59
CA PRO A 267 10.45 14.76 -28.63
C PRO A 267 10.23 16.27 -28.74
N ALA A 268 9.08 16.72 -29.23
CA ALA A 268 8.79 18.14 -29.36
C ALA A 268 7.91 18.68 -28.21
N ILE A 269 7.69 17.88 -27.18
CA ILE A 269 6.79 18.25 -26.08
C ILE A 269 7.36 19.38 -25.25
N ASN A 270 6.44 20.18 -24.68
CA ASN A 270 6.75 21.22 -23.72
C ASN A 270 6.31 20.63 -22.36
N LEU A 271 7.20 20.62 -21.37
CA LEU A 271 6.88 20.10 -20.04
C LEU A 271 6.77 21.26 -19.07
N ILE A 272 5.74 21.25 -18.22
CA ILE A 272 5.60 22.25 -17.17
C ILE A 272 5.58 21.45 -15.89
N ILE A 273 6.58 21.67 -15.04
CA ILE A 273 6.71 20.96 -13.79
C ILE A 273 6.56 21.94 -12.65
N ILE A 274 5.70 21.64 -11.67
CA ILE A 274 5.55 22.50 -10.50
C ILE A 274 6.03 21.68 -9.31
N GLU A 275 6.95 22.25 -8.52
CA GLU A 275 7.48 21.58 -7.34
C GLU A 275 7.63 22.54 -6.17
N VAL A 276 7.73 21.98 -4.97
CA VAL A 276 7.99 22.77 -3.77
C VAL A 276 9.47 22.62 -3.39
N ASP A 277 10.15 23.73 -3.28
CA ASP A 277 11.56 23.79 -2.88
C ASP A 277 11.64 23.43 -1.39
N ASN A 278 12.46 22.42 -1.04
CA ASN A 278 12.64 22.01 0.33
C ASN A 278 13.62 22.95 1.06
N GLN A 279 13.07 23.95 1.76
CA GLN A 279 13.84 24.91 2.56
C GLN A 279 13.42 24.77 4.05
N PHE A 280 13.06 23.55 4.45
CA PHE A 280 12.59 23.25 5.83
C PHE A 280 13.63 23.66 6.91
N ASP A 281 14.90 23.64 6.55
CA ASP A 281 16.03 23.95 7.44
C ASP A 281 16.58 25.37 7.23
N ASN A 282 15.84 26.27 6.57
CA ASN A 282 16.32 27.60 6.23
C ASN A 282 15.65 28.57 7.19
N ALA A 283 16.41 29.05 8.18
CA ALA A 283 15.85 29.88 9.24
C ALA A 283 15.03 31.10 8.75
N GLY A 284 15.56 31.91 7.82
CA GLY A 284 14.85 33.08 7.31
C GLY A 284 13.58 32.75 6.56
N ALA A 285 13.66 31.72 5.71
CA ALA A 285 12.51 31.30 4.93
C ALA A 285 11.39 30.85 5.85
N ARG A 287 10.44 31.91 8.71
CA ARG A 287 9.82 32.96 9.52
C ARG A 287 8.71 33.73 8.72
N HIS A 288 8.58 33.44 7.40
CA HIS A 288 7.52 34.00 6.57
C HIS A 288 6.20 33.43 7.08
N GLY A 289 5.19 34.30 7.21
CA GLY A 289 3.89 33.86 7.71
C GLY A 289 3.28 32.66 7.02
N LEU A 290 3.41 32.60 5.67
CA LEU A 290 2.90 31.48 4.91
C LEU A 290 3.78 30.23 5.02
N ALA A 291 5.09 30.43 5.22
CA ALA A 291 5.98 29.29 5.53
C ALA A 291 5.55 28.62 6.80
N LEU A 292 5.20 29.42 7.83
CA LEU A 292 4.75 28.82 9.08
C LEU A 292 3.40 28.20 9.00
N ALA A 293 2.47 28.86 8.29
CA ALA A 293 1.09 28.35 8.23
C ALA A 293 0.90 27.13 7.35
N TYR A 294 1.65 27.07 6.24
CA TYR A 294 1.47 26.05 5.22
C TYR A 294 2.68 25.17 5.01
N TYR A 295 3.84 25.79 4.72
CA TYR A 295 5.00 24.98 4.34
C TYR A 295 5.60 24.16 5.48
N ASN A 296 5.59 24.66 6.72
CA ASN A 296 6.14 23.89 7.85
C ASN A 296 5.30 22.58 8.04
N PRO A 297 3.93 22.61 8.08
CA PRO A 297 3.21 21.32 8.14
C PRO A 297 3.35 20.46 6.88
N TYR A 298 3.47 21.11 5.70
CA TYR A 298 3.66 20.38 4.43
C TYR A 298 4.98 19.60 4.43
N TYR A 299 6.06 20.23 4.92
CA TYR A 299 7.34 19.57 5.03
C TYR A 299 7.25 18.40 6.01
N LEU A 300 6.56 18.61 7.14
CA LEU A 300 6.42 17.57 8.15
C LEU A 300 5.71 16.34 7.56
N LEU A 301 4.61 16.56 6.85
CA LEU A 301 3.87 15.44 6.28
C LEU A 301 4.69 14.68 5.26
N HIS A 302 5.50 15.39 4.50
CA HIS A 302 6.36 14.76 3.50
C HIS A 302 7.53 13.96 4.14
N CYS A 303 7.81 14.04 5.45
CA CYS A 303 8.77 13.18 6.16
C CYS A 303 8.11 11.86 6.62
N PHE A 304 6.77 11.82 6.68
CA PHE A 304 6.01 10.67 7.16
C PHE A 304 5.28 9.92 6.07
N THR A 305 5.19 10.46 4.86
CA THR A 305 4.59 9.80 3.71
C THR A 305 5.73 9.43 2.75
N ASN A 306 5.44 8.57 1.80
CA ASN A 306 6.48 8.09 0.88
C ASN A 306 6.70 9.05 -0.27
N GLN A 307 6.97 10.28 0.05
CA GLN A 307 7.19 11.37 -0.88
C GLN A 307 8.44 12.06 -0.44
N LEU A 308 9.20 12.62 -1.39
CA LEU A 308 10.47 13.26 -1.04
C LEU A 308 10.59 14.62 -1.70
N LEU A 309 10.62 15.66 -0.90
CA LEU A 309 10.81 17.01 -1.39
C LEU A 309 12.30 17.30 -1.42
N VAL A 310 12.76 17.88 -2.50
CA VAL A 310 14.14 18.28 -2.64
C VAL A 310 14.23 19.79 -3.01
N GLN A 311 15.44 20.31 -3.18
CA GLN A 311 15.63 21.71 -3.46
C GLN A 311 15.55 22.03 -4.94
N ASP A 312 15.31 23.30 -5.26
CA ASP A 312 15.32 23.84 -6.64
C ASP A 312 16.53 23.34 -7.45
N ALA A 313 17.73 23.41 -6.84
CA ALA A 313 18.94 22.98 -7.54
C ALA A 313 18.93 21.48 -7.85
N ASP A 314 18.38 20.69 -6.94
CA ASP A 314 18.30 19.24 -7.13
C ASP A 314 17.38 18.93 -8.32
N TRP A 315 16.25 19.64 -8.45
CA TRP A 315 15.38 19.43 -9.61
C TRP A 315 16.06 19.80 -10.91
N LEU A 316 16.75 20.96 -10.93
CA LEU A 316 17.47 21.38 -12.13
C LEU A 316 18.53 20.36 -12.57
N ASP A 317 19.19 19.69 -11.60
CA ASP A 317 20.18 18.66 -11.91
C ASP A 317 19.50 17.40 -12.46
N ILE A 318 18.34 17.04 -11.91
CA ILE A 318 17.56 15.91 -12.45
C ILE A 318 17.16 16.17 -13.91
N PHE A 319 16.71 17.41 -14.18
CA PHE A 319 16.31 17.75 -15.54
C PHE A 319 17.48 17.67 -16.51
N ALA A 320 18.67 18.12 -16.09
CA ALA A 320 19.86 18.04 -16.95
C ALA A 320 20.18 16.58 -17.27
N GLU A 321 20.12 15.69 -16.25
CA GLU A 321 20.40 14.26 -16.44
C GLU A 321 19.41 13.57 -17.34
N ALA A 322 18.16 14.00 -17.33
CA ALA A 322 17.13 13.47 -18.18
C ALA A 322 17.16 14.02 -19.62
N GLY A 323 18.13 14.89 -19.94
CA GLY A 323 18.26 15.44 -21.28
C GLY A 323 17.28 16.55 -21.57
N LEU A 324 16.89 17.34 -20.53
CA LEU A 324 15.97 18.46 -20.68
C LEU A 324 16.69 19.78 -20.52
N SER A 325 16.25 20.80 -21.25
CA SER A 325 16.74 22.16 -21.20
C SER A 325 15.68 23.04 -20.53
N LEU A 326 16.11 23.97 -19.68
CA LEU A 326 15.24 24.91 -19.03
C LEU A 326 14.96 26.07 -19.96
N VAL A 327 13.70 26.28 -20.30
CA VAL A 327 13.26 27.41 -21.11
C VAL A 327 13.14 28.62 -20.18
N THR A 328 12.34 28.48 -19.10
CA THR A 328 12.20 29.49 -18.08
C THR A 328 11.71 28.88 -16.79
N ARG A 329 11.99 29.56 -15.69
CA ARG A 329 11.59 29.15 -14.33
C ARG A 329 10.88 30.38 -13.77
N GLU A 330 9.80 30.14 -13.04
CA GLU A 330 9.05 31.18 -12.39
C GLU A 330 8.54 30.69 -11.04
N THR A 331 8.26 31.60 -10.14
CA THR A 331 7.58 31.31 -8.89
C THR A 331 6.16 31.92 -8.99
N THR A 332 5.35 31.66 -7.97
CA THR A 332 3.98 32.14 -7.90
C THR A 332 3.94 33.66 -7.76
N SER A 333 2.79 34.25 -8.09
CA SER A 333 2.56 35.67 -7.90
C SER A 333 2.73 36.04 -6.41
N ASP A 334 3.47 37.12 -6.13
CA ASP A 334 3.69 37.55 -4.76
C ASP A 334 2.41 38.08 -4.12
N GLN A 335 1.27 38.17 -4.86
CA GLN A 335 0.00 38.51 -4.25
C GLN A 335 -0.66 37.32 -3.57
N VAL A 336 -0.27 36.08 -3.94
CA VAL A 336 -0.88 34.85 -3.40
C VAL A 336 0.08 34.06 -2.54
N ASP A 337 1.34 33.97 -2.94
CA ASP A 337 2.37 33.20 -2.23
C ASP A 337 3.73 33.82 -2.58
N SER A 338 4.26 34.58 -1.63
CA SER A 338 5.52 35.32 -1.82
C SER A 338 6.72 34.65 -1.15
N THR A 339 6.59 33.36 -0.81
CA THR A 339 7.70 32.65 -0.19
C THR A 339 8.82 32.30 -1.18
N GLY A 340 8.49 32.17 -2.45
CA GLY A 340 9.40 31.66 -3.48
C GLY A 340 9.61 30.16 -3.40
N LEU A 341 8.84 29.44 -2.56
CA LEU A 341 8.99 27.99 -2.41
C LEU A 341 8.23 27.17 -3.47
N GLU A 342 7.20 27.70 -4.09
CA GLU A 342 6.48 27.02 -5.17
C GLU A 342 7.11 27.47 -6.48
N ILE A 343 7.79 26.56 -7.18
CA ILE A 343 8.52 26.89 -8.41
C ILE A 343 7.95 26.08 -9.59
N GLY A 344 7.82 26.76 -10.72
CA GLY A 344 7.40 26.17 -11.96
C GLY A 344 8.52 26.26 -12.97
N TYR A 345 8.71 25.18 -13.70
CA TYR A 345 9.76 25.06 -14.71
C TYR A 345 9.12 24.71 -16.05
N LEU A 346 9.49 25.43 -17.11
CA LEU A 346 9.07 25.13 -18.46
C LEU A 346 10.31 24.53 -19.11
N LEU A 347 10.18 23.30 -19.58
CA LEU A 347 11.27 22.52 -20.14
C LEU A 347 10.96 22.01 -21.53
N ARG A 348 12.03 21.70 -22.26
CA ARG A 348 11.98 21.07 -23.58
C ARG A 348 13.13 20.07 -23.68
N ARG A 349 13.09 19.20 -24.67
CA ARG A 349 14.18 18.25 -24.93
C ARG A 349 15.44 19.05 -25.31
N ALA A 350 16.59 18.71 -24.73
CA ALA A 350 17.85 19.38 -25.04
C ALA A 350 18.34 18.97 -26.45
N GLU B 10 -44.78 -26.61 0.50
CA GLU B 10 -44.60 -27.85 1.26
C GLU B 10 -43.13 -28.09 1.62
N ASN B 11 -42.18 -27.72 0.71
CA ASN B 11 -40.74 -27.89 0.90
C ASN B 11 -40.37 -29.36 1.13
N THR B 12 -41.04 -30.27 0.44
CA THR B 12 -40.80 -31.70 0.62
C THR B 12 -39.33 -32.08 0.37
N GLY B 13 -38.71 -32.70 1.38
CA GLY B 13 -37.32 -33.13 1.30
C GLY B 13 -36.27 -32.04 1.41
N PHE B 14 -36.69 -30.79 1.73
CA PHE B 14 -35.77 -29.66 1.76
C PHE B 14 -34.59 -29.86 2.71
N GLU B 15 -34.85 -30.33 3.94
CA GLU B 15 -33.82 -30.45 4.95
C GLU B 15 -32.62 -31.26 4.50
N THR B 16 -32.88 -32.39 3.81
CA THR B 16 -31.77 -33.21 3.32
C THR B 16 -30.90 -32.46 2.34
N THR B 17 -31.54 -31.64 1.46
CA THR B 17 -30.79 -30.84 0.50
C THR B 17 -30.02 -29.71 1.21
N LEU B 18 -30.60 -29.15 2.28
CA LEU B 18 -29.99 -28.07 3.04
C LEU B 18 -28.71 -28.53 3.71
N ILE B 19 -28.77 -29.67 4.38
CA ILE B 19 -27.59 -30.23 5.07
C ILE B 19 -26.41 -30.38 4.10
N LYS B 20 -26.69 -30.86 2.87
CA LYS B 20 -25.66 -30.98 1.86
C LYS B 20 -25.23 -29.61 1.29
N GLY B 21 -26.21 -28.75 1.05
CA GLY B 21 -26.00 -27.45 0.45
C GLY B 21 -25.14 -26.49 1.26
N ILE B 22 -25.23 -26.58 2.58
CA ILE B 22 -24.42 -25.74 3.48
C ILE B 22 -23.26 -26.50 4.10
N GLU B 23 -22.91 -27.69 3.57
CA GLU B 23 -21.68 -28.41 4.01
C GLU B 23 -20.44 -27.50 3.89
N PRO B 24 -20.27 -26.68 2.82
CA PRO B 24 -19.11 -25.76 2.79
C PRO B 24 -19.08 -24.78 3.95
N ILE B 25 -20.26 -24.34 4.42
CA ILE B 25 -20.35 -23.40 5.57
C ILE B 25 -19.92 -24.12 6.85
N ARG B 26 -20.38 -25.35 7.06
CA ARG B 26 -19.96 -26.14 8.21
C ARG B 26 -18.42 -26.26 8.29
N GLN B 27 -17.80 -26.54 7.13
CA GLN B 27 -16.36 -26.70 7.09
C GLN B 27 -15.61 -25.35 7.17
N PHE B 28 -16.20 -24.27 6.65
CA PHE B 28 -15.71 -22.88 6.74
C PHE B 28 -15.50 -22.52 8.24
N VAL B 29 -16.52 -22.76 9.07
CA VAL B 29 -16.41 -22.45 10.51
C VAL B 29 -15.35 -23.34 11.17
N LEU B 30 -15.33 -24.63 10.80
CA LEU B 30 -14.38 -25.57 11.37
C LEU B 30 -12.94 -25.15 11.03
N ALA B 31 -12.70 -24.72 9.78
CA ALA B 31 -11.34 -24.32 9.40
C ALA B 31 -10.87 -23.11 10.22
N ILE B 32 -11.76 -22.16 10.46
CA ILE B 32 -11.44 -20.97 11.25
C ILE B 32 -11.15 -21.40 12.70
N SER B 33 -11.97 -22.29 13.25
CA SER B 33 -11.82 -22.76 14.60
C SER B 33 -10.54 -23.55 14.79
N ILE B 34 -10.15 -24.37 13.79
CA ILE B 34 -8.88 -25.11 13.86
C ILE B 34 -7.71 -24.11 13.81
N TYR B 35 -7.81 -23.10 12.92
CA TYR B 35 -6.80 -22.05 12.85
C TYR B 35 -6.60 -21.40 14.25
N HIS B 36 -7.68 -21.00 14.91
CA HIS B 36 -7.55 -20.39 16.23
C HIS B 36 -7.00 -21.38 17.26
N LEU B 37 -7.41 -22.66 17.21
CA LEU B 37 -6.87 -23.69 18.11
C LEU B 37 -5.32 -23.70 18.03
N PHE B 38 -4.76 -23.60 16.82
CA PHE B 38 -3.31 -23.51 16.68
C PHE B 38 -2.75 -22.14 17.09
N ASP B 39 -3.28 -21.07 16.48
CA ASP B 39 -2.71 -19.72 16.60
C ASP B 39 -2.73 -19.16 18.00
N THR B 40 -3.77 -19.50 18.79
CA THR B 40 -3.87 -19.03 20.17
C THR B 40 -2.95 -19.83 21.15
N LYS B 41 -2.30 -20.90 20.67
CA LYS B 41 -1.46 -21.82 21.45
C LYS B 41 -2.31 -22.78 22.32
N LEU B 42 -3.64 -22.87 22.06
CA LEU B 42 -4.46 -23.88 22.75
C LEU B 42 -4.06 -25.30 22.35
N PHE B 43 -3.71 -25.52 21.07
CA PHE B 43 -3.28 -26.85 20.62
C PHE B 43 -2.04 -27.30 21.39
N SER B 44 -1.01 -26.42 21.49
CA SER B 44 0.19 -26.78 22.25
C SER B 44 -0.11 -26.98 23.72
N LEU B 45 -1.01 -26.19 24.31
CA LEU B 45 -1.41 -26.37 25.71
C LEU B 45 -2.05 -27.76 25.90
N LEU B 46 -2.93 -28.17 24.99
CA LEU B 46 -3.59 -29.49 25.12
C LEU B 46 -2.58 -30.63 24.96
N ILE B 47 -1.57 -30.46 24.12
CA ILE B 47 -0.51 -31.46 23.95
C ILE B 47 0.26 -31.60 25.27
N LYS B 48 0.65 -30.46 25.86
CA LYS B 48 1.42 -30.42 27.10
C LYS B 48 0.65 -30.98 28.30
N HIS B 49 -0.60 -30.53 28.50
CA HIS B 49 -1.39 -30.93 29.65
C HIS B 49 -2.04 -32.31 29.54
N GLU B 50 -2.35 -32.75 28.31
CA GLU B 50 -3.07 -33.97 27.97
C GLU B 50 -4.59 -33.78 28.23
N VAL B 51 -4.98 -33.36 29.44
CA VAL B 51 -6.37 -33.04 29.78
C VAL B 51 -6.32 -31.67 30.49
N ALA B 52 -7.13 -30.69 30.04
CA ALA B 52 -7.19 -29.39 30.68
C ALA B 52 -8.62 -28.92 30.82
N SER B 53 -8.99 -28.44 32.02
CA SER B 53 -10.31 -27.86 32.19
C SER B 53 -10.27 -26.45 31.55
N PRO B 54 -11.43 -25.87 31.18
CA PRO B 54 -11.42 -24.49 30.70
C PRO B 54 -10.80 -23.51 31.70
N GLU B 55 -10.98 -23.72 33.02
CA GLU B 55 -10.41 -22.83 34.03
C GLU B 55 -8.87 -22.85 33.97
N VAL B 56 -8.27 -24.03 33.88
CA VAL B 56 -6.82 -24.18 33.80
C VAL B 56 -6.27 -23.57 32.49
N ALA B 57 -6.92 -23.83 31.35
CA ALA B 57 -6.47 -23.24 30.07
C ALA B 57 -6.58 -21.71 30.14
N CYS B 58 -7.66 -21.20 30.75
CA CYS B 58 -7.86 -19.75 30.89
C CYS B 58 -6.82 -19.09 31.71
N ASN B 59 -6.47 -19.70 32.84
CA ASN B 59 -5.45 -19.15 33.72
C ASN B 59 -4.10 -19.11 33.02
N GLU B 60 -3.77 -20.15 32.26
CA GLU B 60 -2.48 -20.20 31.58
C GLU B 60 -2.37 -19.19 30.43
N LEU B 61 -3.39 -19.06 29.60
CA LEU B 61 -3.33 -18.20 28.42
C LEU B 61 -4.02 -16.82 28.55
N GLY B 62 -4.58 -16.54 29.72
CA GLY B 62 -5.22 -15.27 30.00
C GLY B 62 -6.51 -15.08 29.22
N GLU B 64 -11.00 -15.90 28.73
CA GLU B 64 -12.31 -15.84 29.39
C GLU B 64 -12.99 -17.22 29.29
N LYS B 65 -13.34 -17.78 30.45
CA LYS B 65 -13.90 -19.12 30.58
C LYS B 65 -15.12 -19.41 29.70
N GLU B 66 -16.13 -18.52 29.68
CA GLU B 66 -17.36 -18.83 28.91
C GLU B 66 -17.12 -18.84 27.40
N LYS B 67 -16.24 -17.98 26.89
CA LYS B 67 -15.89 -18.00 25.47
C LYS B 67 -15.09 -19.28 25.17
N LEU B 68 -14.12 -19.63 26.04
CA LEU B 68 -13.32 -20.83 25.81
C LEU B 68 -14.14 -22.12 25.87
N LEU B 69 -15.08 -22.19 26.80
CA LEU B 69 -15.99 -23.33 26.88
C LEU B 69 -16.83 -23.47 25.62
N GLY B 70 -17.24 -22.34 25.04
CA GLY B 70 -17.97 -22.35 23.79
C GLY B 70 -17.15 -22.93 22.64
N LEU B 71 -15.88 -22.48 22.51
CA LEU B 71 -15.00 -23.00 21.46
C LEU B 71 -14.75 -24.51 21.70
N PHE B 72 -14.46 -24.86 22.95
CA PHE B 72 -14.23 -26.26 23.28
C PHE B 72 -15.46 -27.17 22.99
N ARG B 73 -16.67 -26.73 23.34
CA ARG B 73 -17.88 -27.51 23.10
C ARG B 73 -18.12 -27.69 21.62
N TYR B 74 -17.92 -26.60 20.83
CA TYR B 74 -18.03 -26.64 19.37
C TYR B 74 -17.06 -27.72 18.80
N LEU B 75 -15.81 -27.69 19.25
CA LEU B 75 -14.79 -28.62 18.74
C LEU B 75 -15.07 -30.06 19.19
N LYS B 76 -15.60 -30.23 20.39
CA LYS B 76 -16.03 -31.53 20.88
C LYS B 76 -17.15 -32.09 19.98
N ASN B 77 -18.16 -31.25 19.65
CA ASN B 77 -19.25 -31.70 18.79
C ASN B 77 -18.77 -32.16 17.43
N GLU B 78 -17.72 -31.54 16.91
CA GLU B 78 -17.07 -31.94 15.66
C GLU B 78 -16.03 -33.07 15.80
N GLY B 79 -15.80 -33.57 16.99
CA GLY B 79 -14.88 -34.67 17.22
C GLY B 79 -13.40 -34.33 17.32
N ILE B 80 -13.04 -33.04 17.36
CA ILE B 80 -11.63 -32.62 17.50
C ILE B 80 -11.15 -32.79 18.94
N LEU B 81 -12.07 -32.57 19.91
CA LEU B 81 -11.79 -32.73 21.31
C LEU B 81 -12.68 -33.80 21.92
N LEU B 82 -12.21 -34.33 23.02
CA LEU B 82 -12.93 -35.23 23.89
C LEU B 82 -13.18 -34.48 25.19
N GLU B 83 -14.27 -34.79 25.87
CA GLU B 83 -14.55 -34.20 27.18
C GLU B 83 -14.79 -35.29 28.20
N THR B 84 -14.09 -35.23 29.35
CA THR B 84 -14.28 -36.12 30.50
C THR B 84 -14.57 -35.20 31.73
N ILE B 85 -14.82 -35.81 32.93
CA ILE B 85 -15.02 -35.01 34.14
C ILE B 85 -13.81 -34.09 34.46
N ASP B 86 -12.61 -34.50 34.09
CA ASP B 86 -11.37 -33.76 34.34
C ASP B 86 -11.10 -32.62 33.33
N GLY B 87 -11.78 -32.59 32.18
CA GLY B 87 -11.60 -31.52 31.21
C GLY B 87 -11.62 -31.99 29.78
N PHE B 88 -10.98 -31.21 28.92
CA PHE B 88 -10.93 -31.47 27.49
C PHE B 88 -9.55 -31.95 27.08
N SER B 89 -9.51 -32.75 26.02
CA SER B 89 -8.29 -33.29 25.46
C SER B 89 -8.44 -33.39 23.95
N LEU B 90 -7.31 -33.41 23.24
CA LEU B 90 -7.35 -33.66 21.82
C LEU B 90 -7.76 -35.14 21.60
N SER B 91 -8.66 -35.37 20.67
CA SER B 91 -9.03 -36.72 20.26
C SER B 91 -7.90 -37.23 19.31
N LYS B 92 -8.00 -38.46 18.80
CA LYS B 92 -7.04 -38.95 17.80
C LYS B 92 -7.12 -38.06 16.54
N GLU B 93 -8.35 -37.67 16.15
CA GLU B 93 -8.58 -36.80 14.98
C GLU B 93 -7.90 -35.43 15.23
N GLY B 94 -8.06 -34.89 16.43
CA GLY B 94 -7.42 -33.63 16.79
C GLY B 94 -5.91 -33.73 16.73
N HIS B 95 -5.34 -34.79 17.28
CA HIS B 95 -3.88 -34.97 17.24
C HIS B 95 -3.39 -35.06 15.80
N ALA B 96 -4.16 -35.70 14.93
CA ALA B 96 -3.80 -35.85 13.52
C ALA B 96 -3.71 -34.54 12.76
N LEU B 97 -4.31 -33.46 13.26
CA LEU B 97 -4.21 -32.14 12.60
C LEU B 97 -2.80 -31.51 12.73
N ALA B 98 -1.99 -31.95 13.72
CA ALA B 98 -0.74 -31.27 14.06
C ALA B 98 0.17 -30.91 12.87
N PRO B 99 0.45 -31.83 11.93
CA PRO B 99 1.36 -31.45 10.82
C PRO B 99 0.85 -30.33 9.92
N PHE B 100 -0.46 -30.09 9.93
CA PHE B 100 -1.06 -29.17 8.98
C PHE B 100 -1.20 -27.72 9.46
N GLU B 101 -0.66 -27.42 10.65
CA GLU B 101 -0.71 -26.08 11.22
C GLU B 101 -0.34 -24.97 10.22
N GLY B 102 0.73 -25.16 9.45
CA GLY B 102 1.19 -24.14 8.52
C GLY B 102 0.17 -23.76 7.48
N TRP B 103 -0.57 -24.75 6.98
CA TRP B 103 -1.62 -24.49 5.98
C TRP B 103 -2.76 -23.66 6.58
N TYR B 104 -3.17 -23.97 7.81
CA TYR B 104 -4.23 -23.20 8.45
C TYR B 104 -3.76 -21.77 8.72
N VAL B 105 -2.52 -21.63 9.23
CA VAL B 105 -2.00 -20.29 9.52
C VAL B 105 -1.88 -19.44 8.24
N LEU B 107 -3.39 -19.92 5.03
CA LEU B 107 -4.61 -19.71 4.24
C LEU B 107 -5.76 -19.07 5.02
N VAL B 108 -5.87 -19.39 6.30
CA VAL B 108 -6.88 -18.76 7.12
C VAL B 108 -6.30 -17.51 7.77
N GLY B 109 -5.26 -17.65 8.61
CA GLY B 109 -4.67 -16.48 9.25
C GLY B 109 -4.19 -15.41 8.28
N GLY B 110 -3.48 -15.85 7.26
CA GLY B 110 -2.90 -14.94 6.29
C GLY B 110 -3.88 -14.42 5.25
N TYR B 111 -4.68 -15.32 4.67
CA TYR B 111 -5.49 -14.98 3.53
C TYR B 111 -7.01 -14.97 3.74
N ALA B 112 -7.54 -15.18 4.97
CA ALA B 112 -9.00 -15.09 5.13
C ALA B 112 -9.53 -13.71 4.69
N THR B 113 -8.85 -12.62 5.11
CA THR B 113 -9.29 -11.28 4.75
C THR B 113 -9.27 -11.08 3.23
N THR B 114 -8.29 -11.66 2.57
CA THR B 114 -8.11 -11.56 1.12
C THR B 114 -9.30 -12.20 0.38
N PHE B 115 -9.68 -13.43 0.78
CA PHE B 115 -10.85 -14.08 0.19
C PHE B 115 -12.12 -13.25 0.49
N LEU B 116 -12.26 -12.76 1.73
CA LEU B 116 -13.43 -11.98 2.10
C LEU B 116 -13.56 -10.67 1.31
N GLN B 117 -12.42 -10.07 0.89
CA GLN B 117 -12.38 -8.85 0.10
C GLN B 117 -12.72 -9.05 -1.37
N GLY B 119 -15.31 -9.78 -3.22
CA GLY B 119 -16.52 -9.11 -3.73
C GLY B 119 -16.31 -7.65 -4.03
N GLU B 120 -15.73 -6.92 -3.09
CA GLU B 120 -15.48 -5.51 -3.27
C GLU B 120 -14.34 -5.26 -4.26
N ARG B 121 -13.31 -6.10 -4.22
CA ARG B 121 -12.14 -5.91 -5.11
C ARG B 121 -12.42 -6.28 -6.57
N LEU B 122 -13.53 -6.96 -6.85
CA LEU B 122 -13.93 -7.23 -8.25
C LEU B 122 -14.32 -5.96 -8.98
N GLN B 123 -14.75 -4.91 -8.25
CA GLN B 123 -15.15 -3.67 -8.89
C GLN B 123 -14.01 -2.93 -9.62
N GLU B 124 -14.34 -2.30 -10.76
CA GLU B 124 -13.40 -1.51 -11.55
C GLU B 124 -12.69 -0.48 -10.65
N GLY B 125 -11.37 -0.53 -10.61
CA GLY B 125 -10.61 0.47 -9.87
C GLY B 125 -10.50 0.26 -8.36
N ALA B 126 -11.03 -0.89 -7.84
CA ALA B 126 -11.04 -1.15 -6.41
C ALA B 126 -9.68 -1.57 -5.82
N GLY B 127 -8.70 -1.81 -6.64
CA GLY B 127 -7.35 -2.14 -6.19
C GLY B 127 -7.18 -3.60 -5.79
N TRP B 128 -6.02 -3.89 -5.21
CA TRP B 128 -5.66 -5.25 -4.83
C TRP B 128 -6.15 -5.57 -3.43
N ALA B 129 -6.54 -6.83 -3.21
CA ALA B 129 -6.94 -7.28 -1.89
C ALA B 129 -5.69 -7.29 -0.97
N THR B 130 -5.86 -6.91 0.27
CA THR B 130 -4.78 -6.97 1.25
C THR B 130 -4.78 -8.39 1.92
N ARG B 131 -3.71 -8.66 2.67
CA ARG B 131 -3.51 -9.92 3.36
C ARG B 131 -2.81 -9.62 4.70
N ASP B 132 -2.74 -10.63 5.59
CA ASP B 132 -1.97 -10.47 6.83
C ASP B 132 -0.64 -11.17 6.52
N ALA B 133 0.33 -10.38 6.05
CA ALA B 133 1.58 -10.93 5.58
C ALA B 133 2.40 -11.61 6.67
N THR B 134 2.20 -11.24 7.93
CA THR B 134 2.92 -11.90 9.02
C THR B 134 2.46 -13.36 9.10
N LYS B 135 1.14 -13.59 9.06
CA LYS B 135 0.63 -14.96 9.12
C LYS B 135 0.94 -15.75 7.86
N VAL B 136 0.95 -15.08 6.69
CA VAL B 136 1.33 -15.74 5.43
C VAL B 136 2.76 -16.28 5.56
N GLY B 137 3.66 -15.45 6.06
CA GLY B 137 5.06 -15.85 6.24
C GLY B 137 5.27 -16.97 7.23
N VAL B 138 4.63 -16.87 8.39
CA VAL B 138 4.75 -17.89 9.44
C VAL B 138 4.18 -19.21 8.95
N GLY B 139 3.01 -19.16 8.33
CA GLY B 139 2.36 -20.35 7.81
C GLY B 139 3.13 -21.00 6.69
N SER B 140 3.59 -20.21 5.70
CA SER B 140 4.32 -20.75 4.56
C SER B 140 5.63 -21.37 5.03
N CYS B 141 6.27 -20.80 6.07
CA CYS B 141 7.48 -21.39 6.63
C CYS B 141 7.20 -22.76 7.26
N GLY B 142 6.04 -22.92 7.91
CA GLY B 142 5.63 -24.22 8.44
C GLY B 142 5.45 -25.23 7.33
N ILE B 143 4.80 -24.84 6.24
CA ILE B 143 4.59 -25.68 5.07
C ILE B 143 5.94 -26.10 4.47
N SER B 144 6.90 -25.14 4.39
CA SER B 144 8.18 -25.35 3.73
C SER B 144 9.00 -26.48 4.34
N HIS B 145 8.77 -26.83 5.61
CA HIS B 145 9.45 -27.98 6.22
C HIS B 145 9.21 -29.26 5.40
N PHE B 146 8.01 -29.40 4.84
CA PHE B 146 7.61 -30.60 4.09
C PHE B 146 8.01 -30.57 2.63
N ASP B 147 7.83 -29.42 1.95
CA ASP B 147 8.02 -29.39 0.49
C ASP B 147 9.26 -28.60 -0.01
N ALA B 148 9.30 -27.29 0.25
CA ALA B 148 10.32 -26.40 -0.32
C ALA B 148 11.70 -26.53 0.28
N ILE B 149 11.81 -26.76 1.60
CA ILE B 149 13.13 -26.93 2.23
C ILE B 149 13.80 -28.23 1.69
N PRO B 150 13.12 -29.41 1.67
CA PRO B 150 13.74 -30.61 1.07
C PRO B 150 14.11 -30.42 -0.42
N LEU B 151 13.27 -29.72 -1.18
CA LEU B 151 13.56 -29.42 -2.59
C LEU B 151 14.82 -28.54 -2.71
N THR B 152 14.93 -27.49 -1.88
CA THR B 152 16.10 -26.60 -1.90
C THR B 152 17.37 -27.41 -1.56
N ARG B 153 17.26 -28.29 -0.54
CA ARG B 153 18.37 -29.15 -0.10
C ARG B 153 18.85 -30.06 -1.25
N SER B 154 17.91 -30.66 -1.97
CA SER B 154 18.22 -31.53 -3.10
C SER B 154 18.96 -30.76 -4.21
N LEU B 155 18.50 -29.57 -4.55
CA LEU B 155 19.15 -28.75 -5.59
C LEU B 155 20.50 -28.25 -5.16
N ALA B 157 22.62 -29.74 -3.24
CA ALA B 157 23.55 -30.87 -3.38
C ALA B 157 24.06 -31.07 -4.82
N GLN B 158 23.33 -30.60 -5.83
CA GLN B 158 23.75 -30.75 -7.23
C GLN B 158 24.59 -29.58 -7.77
N ALA B 159 24.85 -28.57 -6.96
CA ALA B 159 25.65 -27.43 -7.38
C ALA B 159 27.13 -27.73 -7.19
N PRO B 160 28.06 -27.05 -7.93
CA PRO B 160 29.48 -27.33 -7.69
C PRO B 160 29.97 -26.66 -6.42
N GLY B 161 30.97 -27.27 -5.79
CA GLY B 161 31.57 -26.76 -4.56
C GLY B 161 30.69 -27.04 -3.35
N THR B 162 30.75 -26.15 -2.36
CA THR B 162 29.93 -26.32 -1.16
C THR B 162 29.37 -24.96 -0.75
N CYS B 163 28.21 -24.98 -0.09
CA CYS B 163 27.62 -23.75 0.42
C CYS B 163 28.34 -23.37 1.71
N THR B 164 28.82 -22.14 1.81
CA THR B 164 29.42 -21.61 3.04
C THR B 164 28.71 -20.33 3.51
N LYS B 165 28.16 -19.53 2.55
CA LYS B 165 27.49 -18.26 2.81
C LYS B 165 26.16 -18.25 2.02
N LEU B 166 25.05 -18.34 2.75
CA LEU B 166 23.73 -18.45 2.17
C LEU B 166 22.91 -17.17 2.37
N LEU B 167 22.29 -16.65 1.29
CA LEU B 167 21.40 -15.48 1.37
C LEU B 167 20.01 -15.95 0.97
N ASP B 168 19.01 -15.71 1.83
CA ASP B 168 17.62 -16.08 1.58
C ASP B 168 16.81 -14.80 1.55
N LEU B 169 16.28 -14.44 0.37
CA LEU B 169 15.46 -13.24 0.23
C LEU B 169 13.99 -13.68 0.33
N GLY B 170 13.21 -12.95 1.09
CA GLY B 170 11.83 -13.31 1.40
C GLY B 170 11.86 -14.50 2.36
N CYS B 171 12.59 -14.36 3.48
CA CYS B 171 12.83 -15.46 4.39
C CYS B 171 11.70 -15.77 5.38
N GLY B 172 10.61 -14.99 5.41
CA GLY B 172 9.52 -15.21 6.36
C GLY B 172 10.02 -15.16 7.79
N ASN B 173 9.72 -16.21 8.57
CA ASN B 173 10.22 -16.31 9.95
C ASN B 173 11.62 -16.97 10.05
N GLY B 174 12.35 -17.13 8.94
CA GLY B 174 13.69 -17.70 8.97
C GLY B 174 13.81 -19.23 9.04
N ARG B 175 12.71 -19.98 8.84
CA ARG B 175 12.74 -21.46 8.90
C ARG B 175 13.74 -22.13 7.93
N TYR B 176 13.88 -21.65 6.68
CA TYR B 176 14.87 -22.27 5.75
C TYR B 176 16.26 -22.13 6.34
N LEU B 177 16.58 -20.94 6.88
CA LEU B 177 17.90 -20.69 7.42
C LEU B 177 18.13 -21.50 8.68
N ALA B 178 17.13 -21.61 9.56
CA ALA B 178 17.28 -22.41 10.77
C ALA B 178 17.52 -23.89 10.41
N GLU B 179 16.74 -24.46 9.47
CA GLU B 179 16.91 -25.85 9.09
C GLU B 179 18.25 -26.12 8.39
N PHE B 180 18.64 -25.26 7.45
CA PHE B 180 19.92 -25.45 6.76
C PHE B 180 21.09 -25.26 7.72
N CYS B 181 21.01 -24.29 8.64
CA CYS B 181 22.09 -24.05 9.59
C CYS B 181 22.23 -25.19 10.61
N LYS B 182 21.13 -25.82 11.04
CA LYS B 182 21.22 -26.95 11.96
C LYS B 182 21.77 -28.19 11.23
N ALA B 183 21.41 -28.40 9.95
CA ALA B 183 21.91 -29.55 9.18
C ALA B 183 23.37 -29.38 8.72
N LEU B 184 23.77 -28.15 8.43
CA LEU B 184 25.10 -27.81 7.90
C LEU B 184 25.77 -26.82 8.85
N PRO B 185 26.40 -27.29 9.95
CA PRO B 185 26.97 -26.37 10.95
C PRO B 185 28.00 -25.32 10.49
N GLN B 186 28.70 -25.50 9.37
CA GLN B 186 29.70 -24.51 8.92
C GLN B 186 29.08 -23.29 8.20
N ILE B 187 27.77 -23.32 7.89
CA ILE B 187 27.13 -22.23 7.15
C ILE B 187 26.95 -20.95 7.94
N GLN B 188 27.25 -19.82 7.29
CA GLN B 188 26.96 -18.47 7.74
C GLN B 188 25.77 -18.05 6.83
N ALA B 189 24.73 -17.41 7.39
CA ALA B 189 23.56 -17.04 6.59
C ALA B 189 23.04 -15.64 6.87
N TRP B 190 22.32 -15.07 5.88
CA TRP B 190 21.68 -13.77 5.97
C TRP B 190 20.28 -13.92 5.32
N GLY B 191 19.26 -13.44 6.00
CA GLY B 191 17.90 -13.44 5.49
C GLY B 191 17.33 -12.04 5.43
N ALA B 192 16.43 -11.79 4.47
CA ALA B 192 15.74 -10.51 4.35
C ALA B 192 14.26 -10.80 4.25
N GLU B 193 13.44 -10.07 5.02
CA GLU B 193 12.01 -10.26 5.00
C GLU B 193 11.32 -8.88 5.00
N PRO B 194 10.44 -8.57 4.01
CA PRO B 194 9.85 -7.22 3.96
C PRO B 194 8.77 -6.94 4.98
N ASP B 195 8.05 -7.98 5.46
CA ASP B 195 7.00 -7.80 6.43
C ASP B 195 7.60 -7.60 7.83
N ARG B 196 7.24 -6.50 8.52
CA ARG B 196 7.83 -6.26 9.83
C ARG B 196 7.56 -7.39 10.84
N GLY B 197 6.33 -7.86 10.90
CA GLY B 197 5.95 -8.91 11.85
C GLY B 197 6.70 -10.19 11.58
N GLY B 198 6.84 -10.55 10.32
CA GLY B 198 7.62 -11.71 9.92
C GLY B 198 9.09 -11.55 10.26
N PHE B 199 9.67 -10.35 9.99
CA PHE B 199 11.03 -10.00 10.34
C PHE B 199 11.26 -10.20 11.85
N GLU B 200 10.34 -9.71 12.68
CA GLU B 200 10.47 -9.85 14.13
C GLU B 200 10.36 -11.33 14.54
N GLU B 201 9.47 -12.11 13.90
CA GLU B 201 9.38 -13.54 14.19
C GLU B 201 10.66 -14.27 13.78
N ALA B 202 11.35 -13.82 12.70
CA ALA B 202 12.62 -14.42 12.26
C ALA B 202 13.70 -14.15 13.28
N VAL B 203 13.78 -12.92 13.80
CA VAL B 203 14.79 -12.57 14.80
C VAL B 203 14.56 -13.44 16.08
N ASP B 204 13.28 -13.64 16.47
CA ASP B 204 12.94 -14.48 17.64
C ASP B 204 13.21 -15.99 17.41
N LEU B 205 12.84 -16.54 16.24
CA LEU B 205 13.09 -17.97 15.96
C LEU B 205 14.60 -18.24 15.93
N ILE B 206 15.37 -17.34 15.31
CA ILE B 206 16.81 -17.50 15.22
C ILE B 206 17.43 -17.46 16.62
N GLU B 207 16.95 -16.57 17.49
CA GLU B 207 17.43 -16.49 18.86
C GLU B 207 17.07 -17.76 19.64
N LYS B 208 15.82 -18.26 19.51
CA LYS B 208 15.34 -19.49 20.16
C LYS B 208 16.16 -20.72 19.74
N GLU B 209 16.55 -20.82 18.46
CA GLU B 209 17.35 -21.96 17.97
C GLU B 209 18.87 -21.82 18.32
N GLY B 210 19.27 -20.70 18.94
CA GLY B 210 20.67 -20.45 19.29
C GLY B 210 21.55 -20.13 18.10
N LEU B 211 20.97 -19.55 17.04
CA LEU B 211 21.71 -19.28 15.80
C LEU B 211 22.04 -17.80 15.52
N SER B 212 21.75 -16.87 16.45
CA SER B 212 22.01 -15.45 16.22
C SER B 212 23.46 -15.09 15.87
N HIS B 213 24.44 -15.88 16.30
CA HIS B 213 25.85 -15.63 15.97
C HIS B 213 26.21 -16.04 14.52
N ARG B 214 25.39 -16.90 13.88
CA ARG B 214 25.64 -17.40 12.53
C ARG B 214 24.64 -16.89 11.46
N VAL B 215 23.48 -16.36 11.87
CA VAL B 215 22.46 -15.91 10.93
C VAL B 215 21.93 -14.53 11.34
N HIS B 216 22.02 -13.55 10.41
CA HIS B 216 21.54 -12.19 10.55
C HIS B 216 20.28 -12.00 9.70
N ILE B 217 19.30 -11.24 10.20
CA ILE B 217 18.07 -10.95 9.49
C ILE B 217 17.95 -9.44 9.28
N SER B 218 17.54 -9.04 8.05
CA SER B 218 17.30 -7.65 7.67
C SER B 218 15.81 -7.45 7.35
N HIS B 219 15.26 -6.27 7.69
CA HIS B 219 13.88 -5.91 7.36
C HIS B 219 13.93 -5.19 6.03
N SER B 220 13.73 -5.94 4.94
CA SER B 220 13.87 -5.40 3.60
C SER B 220 13.21 -6.30 2.57
N GLY B 221 12.77 -5.70 1.47
CA GLY B 221 12.31 -6.41 0.29
C GLY B 221 13.52 -6.87 -0.53
N ALA B 222 13.29 -7.81 -1.44
CA ALA B 222 14.37 -8.42 -2.21
C ALA B 222 15.13 -7.45 -3.13
N VAL B 223 14.41 -6.66 -3.93
CA VAL B 223 15.01 -5.71 -4.86
C VAL B 223 15.82 -4.64 -4.10
N GLU B 224 15.21 -4.07 -3.06
CA GLU B 224 15.90 -3.05 -2.27
C GLU B 224 17.11 -3.64 -1.52
N PHE B 225 17.05 -4.91 -1.08
CA PHE B 225 18.21 -5.53 -0.43
C PHE B 225 19.39 -5.61 -1.41
N LEU B 226 19.13 -6.04 -2.66
CA LEU B 226 20.20 -6.14 -3.65
C LEU B 226 20.83 -4.79 -3.98
N ASP B 227 20.05 -3.70 -3.85
CA ASP B 227 20.55 -2.33 -4.09
C ASP B 227 21.23 -1.71 -2.84
N SER B 228 21.20 -2.40 -1.68
CA SER B 228 21.79 -1.87 -0.44
C SER B 228 23.30 -2.14 -0.31
N ASP B 229 23.98 -1.45 0.64
CA ASP B 229 25.41 -1.63 0.86
C ASP B 229 25.69 -2.75 1.89
N PHE B 230 24.98 -3.88 1.80
CA PHE B 230 25.23 -5.00 2.70
C PHE B 230 26.62 -5.56 2.42
N ASP B 231 27.29 -6.06 3.48
CA ASP B 231 28.63 -6.61 3.35
C ASP B 231 28.57 -8.11 3.62
N PHE B 232 28.34 -8.86 2.54
CA PHE B 232 28.23 -10.33 2.57
C PHE B 232 28.49 -10.83 1.16
N GLU B 233 29.25 -11.92 1.00
CA GLU B 233 29.58 -12.47 -0.31
C GLU B 233 28.96 -13.85 -0.38
N PRO B 234 27.64 -13.97 -0.64
CA PRO B 234 27.04 -15.29 -0.66
C PRO B 234 27.50 -16.09 -1.85
N ASP B 235 27.63 -17.41 -1.66
CA ASP B 235 27.89 -18.31 -2.76
C ASP B 235 26.56 -18.99 -3.22
N PHE B 236 25.47 -18.90 -2.40
CA PHE B 236 24.13 -19.40 -2.75
C PHE B 236 23.11 -18.34 -2.40
N ILE B 237 22.12 -18.16 -3.30
CA ILE B 237 20.97 -17.27 -3.06
C ILE B 237 19.73 -18.10 -3.30
N VAL B 238 18.78 -18.06 -2.34
CA VAL B 238 17.53 -18.77 -2.44
C VAL B 238 16.43 -17.73 -2.63
N LEU B 239 15.60 -17.94 -3.68
CA LEU B 239 14.45 -17.11 -4.03
C LEU B 239 13.25 -18.05 -4.07
N GLY B 240 12.70 -18.34 -2.88
CA GLY B 240 11.55 -19.22 -2.70
C GLY B 240 10.26 -18.45 -2.80
N PHE B 241 9.57 -18.52 -3.95
CA PHE B 241 8.29 -17.84 -4.18
C PHE B 241 8.39 -16.31 -4.06
N VAL B 242 9.51 -15.76 -4.48
CA VAL B 242 9.78 -14.32 -4.44
C VAL B 242 9.55 -13.70 -5.81
N LEU B 243 10.06 -14.34 -6.87
CA LEU B 243 10.00 -13.75 -8.20
C LEU B 243 8.60 -13.44 -8.68
N HIS B 244 7.60 -14.25 -8.34
CA HIS B 244 6.23 -13.98 -8.79
C HIS B 244 5.64 -12.74 -8.07
N GLU B 245 6.16 -12.39 -6.88
CA GLU B 245 5.76 -11.13 -6.19
C GLU B 245 6.34 -9.94 -6.95
N ILE B 246 7.63 -10.00 -7.30
CA ILE B 246 8.28 -8.92 -8.04
C ILE B 246 7.62 -8.79 -9.42
N LEU B 247 7.31 -9.94 -10.08
CA LEU B 247 6.69 -9.90 -11.39
C LEU B 247 5.36 -9.15 -11.38
N GLY B 248 4.52 -9.43 -10.41
CA GLY B 248 3.24 -8.75 -10.30
C GLY B 248 3.40 -7.29 -9.93
N GLN B 249 4.16 -7.01 -8.89
CA GLN B 249 4.32 -5.66 -8.35
C GLN B 249 5.11 -4.69 -9.23
N ALA B 250 6.17 -5.17 -9.85
CA ALA B 250 7.11 -4.32 -10.57
C ALA B 250 7.19 -4.57 -12.05
N GLY B 251 6.78 -5.76 -12.52
CA GLY B 251 6.77 -6.06 -13.93
C GLY B 251 7.89 -6.98 -14.37
N ARG B 252 7.77 -7.52 -15.58
CA ARG B 252 8.75 -8.44 -16.12
C ARG B 252 10.14 -7.82 -16.34
N PRO B 253 10.27 -6.57 -16.89
CA PRO B 253 11.62 -6.00 -17.01
C PRO B 253 12.33 -5.91 -15.63
N ALA B 254 11.57 -5.59 -14.57
CA ALA B 254 12.13 -5.50 -13.21
C ALA B 254 12.66 -6.85 -12.71
N VAL B 255 11.96 -7.97 -13.03
CA VAL B 255 12.42 -9.30 -12.63
C VAL B 255 13.72 -9.64 -13.38
N VAL B 256 13.73 -9.38 -14.70
CA VAL B 256 14.92 -9.63 -15.52
C VAL B 256 16.11 -8.79 -14.98
N ASN B 257 15.87 -7.52 -14.68
CA ASN B 257 16.94 -6.64 -14.19
C ASN B 257 17.44 -7.08 -12.82
N PHE B 258 16.53 -7.57 -11.97
CA PHE B 258 16.89 -8.06 -10.64
C PHE B 258 17.83 -9.26 -10.75
N LEU B 259 17.49 -10.20 -11.64
CA LEU B 259 18.29 -11.38 -11.84
C LEU B 259 19.65 -11.03 -12.45
N LYS B 260 19.67 -10.07 -13.39
CA LYS B 260 20.93 -9.61 -13.97
C LYS B 260 21.81 -8.97 -12.88
N LYS B 261 21.21 -8.20 -11.97
CA LYS B 261 21.97 -7.57 -10.89
C LYS B 261 22.61 -8.61 -9.97
N ILE B 262 21.92 -9.72 -9.68
CA ILE B 262 22.48 -10.79 -8.84
C ILE B 262 23.81 -11.31 -9.43
N VAL B 263 23.78 -11.71 -10.71
CA VAL B 263 24.98 -12.29 -11.33
C VAL B 263 26.01 -11.22 -11.70
N HIS B 264 25.63 -9.94 -11.78
CA HIS B 264 26.60 -8.88 -12.00
C HIS B 264 27.39 -8.68 -10.70
N ARG B 265 26.69 -8.59 -9.56
CA ARG B 265 27.34 -8.42 -8.26
C ARG B 265 28.09 -9.69 -7.80
N PHE B 266 27.50 -10.88 -8.03
CA PHE B 266 28.07 -12.17 -7.62
C PHE B 266 28.18 -13.10 -8.84
N PRO B 267 29.19 -12.94 -9.71
CA PRO B 267 29.26 -13.77 -10.94
C PRO B 267 29.41 -15.28 -10.76
N ALA B 268 29.89 -15.75 -9.62
CA ALA B 268 30.07 -17.21 -9.37
C ALA B 268 28.96 -17.79 -8.48
N ILE B 269 27.87 -17.02 -8.24
CA ILE B 269 26.81 -17.45 -7.35
C ILE B 269 25.99 -18.59 -7.94
N ASN B 270 25.42 -19.42 -7.06
CA ASN B 270 24.46 -20.46 -7.38
C ASN B 270 23.10 -19.93 -6.94
N LEU B 271 22.11 -19.90 -7.86
CA LEU B 271 20.77 -19.41 -7.54
C LEU B 271 19.82 -20.59 -7.47
N ILE B 272 18.98 -20.62 -6.44
CA ILE B 272 17.94 -21.64 -6.31
C ILE B 272 16.65 -20.87 -6.30
N ILE B 273 15.80 -21.11 -7.29
CA ILE B 273 14.53 -20.42 -7.43
C ILE B 273 13.42 -21.45 -7.30
N ILE B 274 12.44 -21.20 -6.44
CA ILE B 274 11.27 -22.08 -6.32
C ILE B 274 10.08 -21.25 -6.77
N GLU B 275 9.30 -21.81 -7.69
CA GLU B 275 8.10 -21.16 -8.22
C GLU B 275 6.96 -22.14 -8.39
N VAL B 276 5.74 -21.62 -8.47
CA VAL B 276 4.58 -22.44 -8.72
C VAL B 276 4.19 -22.24 -10.19
N ASP B 277 4.11 -23.33 -10.92
CA ASP B 277 3.71 -23.36 -12.32
C ASP B 277 2.22 -23.04 -12.39
N ASN B 278 1.85 -22.03 -13.18
CA ASN B 278 0.46 -21.64 -13.33
C ASN B 278 -0.27 -22.56 -14.33
N GLN B 279 -0.93 -23.59 -13.80
CA GLN B 279 -1.73 -24.55 -14.56
C GLN B 279 -3.20 -24.49 -14.12
N PHE B 280 -3.66 -23.29 -13.77
CA PHE B 280 -5.03 -23.04 -13.30
C PHE B 280 -6.10 -23.47 -14.32
N ASP B 281 -5.73 -23.38 -15.62
CA ASP B 281 -6.60 -23.68 -16.75
C ASP B 281 -6.38 -25.08 -17.35
N ASN B 282 -5.67 -25.98 -16.64
CA ASN B 282 -5.30 -27.29 -17.13
C ASN B 282 -6.24 -28.30 -16.49
N ALA B 283 -7.20 -28.81 -17.26
CA ALA B 283 -8.24 -29.70 -16.74
C ALA B 283 -7.71 -30.91 -15.93
N GLY B 284 -6.76 -31.65 -16.47
CA GLY B 284 -6.24 -32.83 -15.79
C GLY B 284 -5.49 -32.51 -14.52
N ALA B 285 -4.64 -31.45 -14.60
CA ALA B 285 -3.90 -31.04 -13.41
C ALA B 285 -4.84 -30.63 -12.28
N ARG B 287 -7.70 -31.80 -11.40
CA ARG B 287 -8.47 -32.90 -10.78
C ARG B 287 -7.67 -33.65 -9.68
N HIS B 288 -6.37 -33.37 -9.57
CA HIS B 288 -5.51 -33.92 -8.50
C HIS B 288 -6.04 -33.40 -7.17
N GLY B 289 -6.15 -34.28 -6.18
CA GLY B 289 -6.68 -33.89 -4.88
C GLY B 289 -5.97 -32.70 -4.23
N LEU B 290 -4.63 -32.63 -4.34
CA LEU B 290 -3.89 -31.50 -3.78
C LEU B 290 -4.04 -30.23 -4.65
N ALA B 291 -4.25 -30.40 -5.97
CA ALA B 291 -4.56 -29.25 -6.82
C ALA B 291 -5.87 -28.63 -6.39
N LEU B 292 -6.89 -29.44 -6.07
CA LEU B 292 -8.16 -28.88 -5.61
C LEU B 292 -8.07 -28.30 -4.22
N ALA B 293 -7.37 -28.99 -3.31
CA ALA B 293 -7.33 -28.55 -1.94
C ALA B 293 -6.48 -27.29 -1.70
N TYR B 294 -5.36 -27.18 -2.43
CA TYR B 294 -4.36 -26.12 -2.22
C TYR B 294 -4.19 -25.22 -3.41
N TYR B 295 -3.86 -25.80 -4.58
CA TYR B 295 -3.51 -24.95 -5.72
C TYR B 295 -4.68 -24.12 -6.28
N ASN B 296 -5.92 -24.65 -6.31
CA ASN B 296 -7.06 -23.92 -6.83
C ASN B 296 -7.28 -22.63 -5.96
N PRO B 297 -7.32 -22.70 -4.59
CA PRO B 297 -7.40 -21.44 -3.84
C PRO B 297 -6.15 -20.54 -3.97
N TYR B 298 -4.94 -21.16 -4.09
CA TYR B 298 -3.69 -20.42 -4.27
C TYR B 298 -3.73 -19.58 -5.56
N TYR B 299 -4.17 -20.21 -6.66
CA TYR B 299 -4.31 -19.50 -7.92
C TYR B 299 -5.33 -18.37 -7.81
N LEU B 300 -6.44 -18.61 -7.13
CA LEU B 300 -7.47 -17.59 -6.96
C LEU B 300 -6.92 -16.38 -6.20
N LEU B 301 -6.19 -16.63 -5.12
CA LEU B 301 -5.60 -15.52 -4.31
C LEU B 301 -4.65 -14.70 -5.15
N HIS B 302 -3.89 -15.36 -6.04
CA HIS B 302 -2.91 -14.69 -6.86
C HIS B 302 -3.57 -13.86 -8.00
N CYS B 303 -4.87 -14.00 -8.27
CA CYS B 303 -5.64 -13.11 -9.18
C CYS B 303 -6.12 -11.81 -8.47
N PHE B 304 -6.15 -11.83 -7.13
CA PHE B 304 -6.66 -10.73 -6.33
C PHE B 304 -5.60 -9.95 -5.58
N THR B 305 -4.38 -10.44 -5.52
CA THR B 305 -3.24 -9.78 -4.90
C THR B 305 -2.31 -9.36 -6.05
N ASN B 306 -1.36 -8.51 -5.73
CA ASN B 306 -0.47 -7.97 -6.76
C ASN B 306 0.73 -8.88 -6.97
N GLN B 307 0.44 -10.11 -7.30
CA GLN B 307 1.41 -11.15 -7.57
C GLN B 307 0.98 -11.82 -8.84
N LEU B 308 1.94 -12.32 -9.62
CA LEU B 308 1.62 -12.96 -10.89
C LEU B 308 2.32 -14.28 -11.05
N LEU B 309 1.53 -15.36 -11.11
CA LEU B 309 2.09 -16.67 -11.39
C LEU B 309 2.11 -16.89 -12.89
N VAL B 310 3.19 -17.43 -13.37
CA VAL B 310 3.33 -17.78 -14.79
C VAL B 310 3.74 -19.26 -14.93
N GLN B 311 3.88 -19.75 -16.17
CA GLN B 311 4.18 -21.13 -16.41
C GLN B 311 5.67 -21.42 -16.36
N ASP B 312 6.02 -22.68 -16.18
CA ASP B 312 7.40 -23.19 -16.20
C ASP B 312 8.17 -22.62 -17.44
N ALA B 313 7.54 -22.67 -18.61
CA ALA B 313 8.17 -22.18 -19.85
C ALA B 313 8.48 -20.67 -19.78
N ASP B 314 7.58 -19.90 -19.16
CA ASP B 314 7.76 -18.45 -19.00
C ASP B 314 8.94 -18.17 -18.09
N TRP B 315 9.10 -18.95 -17.00
CA TRP B 315 10.26 -18.75 -16.10
C TRP B 315 11.56 -19.06 -16.82
N LEU B 316 11.59 -20.15 -17.57
CA LEU B 316 12.78 -20.51 -18.33
C LEU B 316 13.19 -19.40 -19.33
N ASP B 317 12.20 -18.71 -19.93
CA ASP B 317 12.47 -17.58 -20.84
C ASP B 317 13.06 -16.41 -20.07
N ILE B 318 12.51 -16.11 -18.90
CA ILE B 318 13.01 -15.02 -18.04
C ILE B 318 14.47 -15.29 -17.64
N PHE B 319 14.78 -16.54 -17.27
CA PHE B 319 16.15 -16.90 -16.87
C PHE B 319 17.12 -16.70 -18.03
N ALA B 320 16.71 -17.11 -19.24
CA ALA B 320 17.57 -16.94 -20.42
C ALA B 320 17.82 -15.46 -20.69
N GLU B 321 16.78 -14.62 -20.60
CA GLU B 321 16.90 -13.18 -20.84
C GLU B 321 17.78 -12.47 -19.82
N ALA B 322 17.82 -12.99 -18.60
CA ALA B 322 18.67 -12.45 -17.56
C ALA B 322 20.11 -12.95 -17.62
N GLY B 323 20.47 -13.75 -18.63
CA GLY B 323 21.82 -14.26 -18.77
C GLY B 323 22.16 -15.41 -17.84
N LEU B 324 21.16 -16.24 -17.51
CA LEU B 324 21.36 -17.40 -16.63
C LEU B 324 21.26 -18.71 -17.42
N SER B 325 21.98 -19.74 -16.95
CA SER B 325 21.97 -21.09 -17.50
C SER B 325 21.33 -22.04 -16.48
N LEU B 326 20.47 -22.96 -16.95
CA LEU B 326 19.84 -23.94 -16.09
C LEU B 326 20.77 -25.11 -15.85
N VAL B 327 21.12 -25.35 -14.58
CA VAL B 327 21.97 -26.49 -14.21
C VAL B 327 21.04 -27.71 -14.13
N THR B 328 19.97 -27.61 -13.34
CA THR B 328 18.97 -28.67 -13.22
C THR B 328 17.66 -28.10 -12.69
N ARG B 329 16.58 -28.79 -12.96
CA ARG B 329 15.22 -28.46 -12.54
C ARG B 329 14.68 -29.71 -11.83
N GLU B 330 13.95 -29.52 -10.75
CA GLU B 330 13.34 -30.60 -10.00
C GLU B 330 11.98 -30.15 -9.47
N THR B 331 11.13 -31.10 -9.17
CA THR B 331 9.85 -30.86 -8.49
C THR B 331 9.97 -31.52 -7.09
N THR B 332 8.98 -31.26 -6.26
CA THR B 332 8.91 -31.76 -4.89
C THR B 332 8.79 -33.28 -4.87
N SER B 333 9.12 -33.89 -3.72
CA SER B 333 8.96 -35.32 -3.53
C SER B 333 7.51 -35.73 -3.74
N ASP B 334 7.27 -36.80 -4.51
CA ASP B 334 5.91 -37.26 -4.73
C ASP B 334 5.26 -37.84 -3.46
N GLN B 335 6.01 -37.91 -2.34
CA GLN B 335 5.41 -38.32 -1.07
C GLN B 335 4.72 -37.18 -0.38
N VAL B 336 5.04 -35.92 -0.75
CA VAL B 336 4.48 -34.73 -0.13
C VAL B 336 3.58 -33.95 -1.07
N ASP B 337 3.99 -33.79 -2.33
CA ASP B 337 3.25 -33.02 -3.33
C ASP B 337 3.61 -33.59 -4.70
N SER B 338 2.71 -34.35 -5.26
CA SER B 338 2.91 -35.05 -6.53
C SER B 338 2.21 -34.37 -7.71
N THR B 339 1.86 -33.10 -7.57
CA THR B 339 1.20 -32.38 -8.64
C THR B 339 2.19 -31.95 -9.75
N GLY B 340 3.46 -31.82 -9.42
CA GLY B 340 4.46 -31.28 -10.33
C GLY B 340 4.35 -29.77 -10.51
N LEU B 341 3.50 -29.09 -9.70
CA LEU B 341 3.33 -27.65 -9.83
C LEU B 341 4.38 -26.83 -9.08
N GLU B 342 5.00 -27.37 -8.03
CA GLU B 342 6.06 -26.66 -7.31
C GLU B 342 7.40 -27.08 -7.96
N ILE B 343 8.06 -26.14 -8.64
CA ILE B 343 9.28 -26.41 -9.38
C ILE B 343 10.46 -25.61 -8.81
N GLY B 344 11.59 -26.28 -8.65
CA GLY B 344 12.81 -25.65 -8.22
C GLY B 344 13.83 -25.70 -9.33
N TYR B 345 14.55 -24.59 -9.52
CA TYR B 345 15.53 -24.40 -10.56
C TYR B 345 16.87 -24.05 -9.92
N LEU B 346 17.93 -24.74 -10.33
CA LEU B 346 19.31 -24.42 -9.91
C LEU B 346 19.92 -23.76 -11.12
N LEU B 347 20.34 -22.50 -10.96
CA LEU B 347 20.88 -21.67 -12.03
C LEU B 347 22.28 -21.12 -11.70
N ARG B 348 22.98 -20.75 -12.76
CA ARG B 348 24.29 -20.11 -12.68
C ARG B 348 24.34 -19.04 -13.76
N ARG B 349 25.34 -18.16 -13.69
CA ARG B 349 25.58 -17.17 -14.74
C ARG B 349 25.94 -17.92 -16.04
N ALA B 350 25.36 -17.55 -17.18
CA ALA B 350 25.66 -18.17 -18.46
C ALA B 350 27.04 -17.70 -18.97
#